data_8BB8
#
_entry.id   8BB8
#
_cell.length_a   61.341
_cell.length_b   85.821
_cell.length_c   169.209
_cell.angle_alpha   90.000
_cell.angle_beta   90.000
_cell.angle_gamma   90.000
#
_symmetry.space_group_name_H-M   'P 21 21 21'
#
loop_
_entity.id
_entity.type
_entity.pdbx_description
1 polymer 'Aldehyde dehydrogenase, dimeric NADP-preferring'
2 non-polymer 'POTASSIUM ION'
3 non-polymer 'ACETATE ION'
4 non-polymer OCTANAL
5 non-polymer GLYCEROL
6 water water
#
_entity_poly.entity_id   1
_entity_poly.type   'polypeptide(L)'
_entity_poly.pdbx_seq_one_letter_code
;HHHHHHENLYFQSGSKISEAVKRARAAFSSGRTRPLQFRIQQLEALQRLIQEQEQELVGALAADLHKNEWNAYYEEVVYV
LEEIEYMIQKLPEWAADEPVEKTPQTQQDELYIHSEPLGVVLVIGTWNYPFNLTIQPMVGAIAAGNSVVLKPSELSENMA
SLLATIIPQYLDKDLYPVINGGVPETTELLKERFDHILYTGSTGVGKIIMTAAAKHLTPVTLELGGKSPCYVDKNCDLDV
ACRRIAWGKFMNSGQTCVAPDYILCDPSIQNQIVEKLKKSLKEFYGEDAKKSRDYGRIISARHFQRVMGLIEGQKVAYGG
TGDAATRYIAPTILTDVDPQSPVMQEEIFGPVLPIVCVRSLEEAIQFINQREKPLALYMFSSNDKVIKKMIAETSSGGVA
ANDVIVHITLHSLPFGGVGNSGMGSYHGKKSFETFSHRRSCLVRPLMNDEGLKVRYPPSPAKMTQH
;
_entity_poly.pdbx_strand_id   A,B
#
loop_
_chem_comp.id
_chem_comp.type
_chem_comp.name
_chem_comp.formula
ACT non-polymer 'ACETATE ION' 'C2 H3 O2 -1'
GOL non-polymer GLYCEROL 'C3 H8 O3'
K non-polymer 'POTASSIUM ION' 'K 1'
OYA non-polymer OCTANAL 'C8 H16 O'
#
# COMPACT_ATOMS: atom_id res chain seq x y z
N SER A 15 31.04 -0.10 5.79
CA SER A 15 30.66 0.94 6.74
C SER A 15 29.90 0.35 7.93
N LYS A 16 29.86 1.11 9.04
CA LYS A 16 29.02 0.73 10.18
C LYS A 16 27.59 0.45 9.74
N ILE A 17 27.03 1.36 8.93
CA ILE A 17 25.63 1.20 8.52
C ILE A 17 25.46 -0.04 7.66
N SER A 18 26.31 -0.22 6.65
CA SER A 18 26.24 -1.42 5.82
C SER A 18 26.30 -2.68 6.66
N GLU A 19 27.26 -2.76 7.57
CA GLU A 19 27.42 -3.96 8.38
C GLU A 19 26.21 -4.19 9.28
N ALA A 20 25.67 -3.12 9.86
CA ALA A 20 24.47 -3.26 10.69
C ALA A 20 23.32 -3.88 9.90
N VAL A 21 23.04 -3.35 8.71
CA VAL A 21 21.93 -3.92 7.94
C VAL A 21 22.26 -5.34 7.48
N LYS A 22 23.53 -5.57 7.10
CA LYS A 22 23.98 -6.91 6.79
C LYS A 22 23.66 -7.89 7.91
N ARG A 23 24.08 -7.56 9.14
CA ARG A 23 23.82 -8.43 10.29
C ARG A 23 22.32 -8.61 10.52
N ALA A 24 21.54 -7.55 10.29
CA ALA A 24 20.11 -7.67 10.53
C ALA A 24 19.47 -8.62 9.53
N ARG A 25 19.88 -8.54 8.27
CA ARG A 25 19.30 -9.41 7.27
C ARG A 25 19.77 -10.86 7.48
N ALA A 26 21.03 -11.04 7.87
CA ALA A 26 21.50 -12.38 8.19
C ALA A 26 20.69 -12.98 9.32
N ALA A 27 20.48 -12.20 10.39
CA ALA A 27 19.68 -12.67 11.51
C ALA A 27 18.27 -13.01 11.05
N PHE A 28 17.65 -12.12 10.28
CA PHE A 28 16.30 -12.43 9.80
C PHE A 28 16.31 -13.69 8.93
N SER A 29 17.29 -13.83 8.04
CA SER A 29 17.28 -14.95 7.10
C SER A 29 17.47 -16.29 7.78
N SER A 30 18.06 -16.31 8.98
CA SER A 30 18.20 -17.54 9.75
C SER A 30 16.87 -18.09 10.25
N GLY A 31 15.77 -17.33 10.15
CA GLY A 31 14.49 -17.77 10.67
C GLY A 31 14.23 -17.43 12.13
N ARG A 32 15.10 -16.66 12.77
CA ARG A 32 14.99 -16.46 14.21
C ARG A 32 13.70 -15.76 14.61
N THR A 33 13.16 -14.87 13.76
CA THR A 33 11.96 -14.13 14.11
C THR A 33 10.66 -14.88 13.80
N ARG A 34 10.71 -16.05 13.15
CA ARG A 34 9.47 -16.64 12.65
C ARG A 34 8.58 -17.18 13.76
N PRO A 35 9.10 -17.89 14.77
CA PRO A 35 8.22 -18.37 15.85
C PRO A 35 7.57 -17.20 16.59
N LEU A 36 6.27 -17.30 16.83
CA LEU A 36 5.59 -16.22 17.53
C LEU A 36 6.17 -15.98 18.92
N GLN A 37 6.61 -17.04 19.59
CA GLN A 37 7.12 -16.86 20.95
C GLN A 37 8.35 -15.96 20.97
N PHE A 38 9.16 -15.99 19.92
CA PHE A 38 10.30 -15.08 19.86
C PHE A 38 9.85 -13.63 19.74
N ARG A 39 8.85 -13.36 18.90
CA ARG A 39 8.33 -12.00 18.76
C ARG A 39 7.74 -11.49 20.08
N ILE A 40 6.97 -12.34 20.76
CA ILE A 40 6.38 -11.96 22.03
C ILE A 40 7.47 -11.69 23.06
N GLN A 41 8.54 -12.50 23.07
CA GLN A 41 9.65 -12.20 23.95
C GLN A 41 10.23 -10.82 23.67
N GLN A 42 10.38 -10.47 22.39
CA GLN A 42 10.91 -9.14 22.09
C GLN A 42 9.92 -8.06 22.52
N LEU A 43 8.63 -8.28 22.29
CA LEU A 43 7.66 -7.29 22.72
C LEU A 43 7.64 -7.18 24.24
N GLU A 44 7.77 -8.30 24.94
CA GLU A 44 7.84 -8.23 26.39
C GLU A 44 9.08 -7.47 26.84
N ALA A 45 10.20 -7.64 26.14
CA ALA A 45 11.40 -6.86 26.45
C ALA A 45 11.13 -5.37 26.32
N LEU A 46 10.36 -4.96 25.30
CA LEU A 46 10.00 -3.54 25.17
C LEU A 46 9.12 -3.09 26.33
N GLN A 47 8.23 -3.95 26.82
CA GLN A 47 7.45 -3.62 28.00
C GLN A 47 8.36 -3.36 29.19
N ARG A 48 9.34 -4.25 29.37
CA ARG A 48 10.29 -4.12 30.47
C ARG A 48 11.18 -2.89 30.28
N LEU A 49 11.54 -2.59 29.04
CA LEU A 49 12.26 -1.35 28.78
C LEU A 49 11.47 -0.15 29.28
N ILE A 50 10.19 -0.09 28.92
CA ILE A 50 9.40 1.10 29.26
C ILE A 50 9.24 1.21 30.77
N GLN A 51 9.00 0.09 31.43
CA GLN A 51 8.86 0.11 32.89
C GLN A 51 10.18 0.50 33.55
N GLU A 52 11.27 -0.16 33.20
CA GLU A 52 12.54 0.04 33.87
C GLU A 52 13.22 1.35 33.51
N GLN A 53 12.92 1.92 32.34
CA GLN A 53 13.59 3.14 31.90
C GLN A 53 12.69 4.36 31.98
N GLU A 54 11.65 4.31 32.82
CA GLU A 54 10.67 5.39 32.88
C GLU A 54 11.34 6.73 33.14
N GLN A 55 12.13 6.83 34.21
CA GLN A 55 12.77 8.10 34.53
C GLN A 55 13.64 8.59 33.37
N GLU A 56 14.35 7.67 32.73
CA GLU A 56 15.24 8.07 31.65
C GLU A 56 14.47 8.58 30.45
N LEU A 57 13.35 7.94 30.14
CA LEU A 57 12.52 8.39 29.01
C LEU A 57 11.90 9.76 29.29
N VAL A 58 11.36 9.95 30.49
CA VAL A 58 10.84 11.26 30.90
C VAL A 58 11.93 12.32 30.80
N GLY A 59 13.10 12.06 31.40
CA GLY A 59 14.18 13.03 31.35
C GLY A 59 14.58 13.42 29.93
N ALA A 60 14.63 12.45 29.02
CA ALA A 60 14.96 12.76 27.63
C ALA A 60 13.86 13.58 26.99
N LEU A 61 12.59 13.24 27.25
CA LEU A 61 11.51 14.03 26.66
C LEU A 61 11.47 15.42 27.26
N ALA A 62 11.77 15.56 28.56
CA ALA A 62 11.85 16.89 29.15
C ALA A 62 12.95 17.71 28.47
N ALA A 63 14.12 17.10 28.28
CA ALA A 63 15.27 17.79 27.70
C ALA A 63 15.03 18.15 26.23
N ASP A 64 14.41 17.24 25.46
CA ASP A 64 14.22 17.54 24.04
C ASP A 64 13.07 18.52 23.82
N LEU A 65 11.97 18.32 24.53
CA LEU A 65 10.72 18.97 24.18
C LEU A 65 10.02 19.66 25.34
N HIS A 66 10.60 19.62 26.54
CA HIS A 66 10.01 20.29 27.71
C HIS A 66 8.68 19.64 28.08
N LYS A 67 8.63 18.32 27.93
CA LYS A 67 7.56 17.52 28.48
C LYS A 67 7.79 17.34 29.96
N ASN A 68 6.77 16.84 30.66
CA ASN A 68 6.96 16.46 32.05
C ASN A 68 6.59 14.98 32.22
N GLU A 69 6.69 14.51 33.46
CA GLU A 69 6.40 13.11 33.78
C GLU A 69 5.01 12.71 33.31
N TRP A 70 4.04 13.63 33.42
CA TRP A 70 2.65 13.26 33.18
C TRP A 70 2.36 13.17 31.69
N ASN A 71 2.70 14.20 30.91
CA ASN A 71 2.36 14.13 29.49
C ASN A 71 3.35 13.27 28.69
N ALA A 72 4.56 13.03 29.20
CA ALA A 72 5.40 12.01 28.59
C ALA A 72 4.67 10.67 28.56
N TYR A 73 3.94 10.36 29.62
CA TYR A 73 3.24 9.08 29.65
C TYR A 73 1.91 9.18 28.93
N TYR A 74 1.04 10.10 29.37
CA TYR A 74 -0.33 10.08 28.89
C TYR A 74 -0.49 10.63 27.47
N GLU A 75 0.51 11.30 26.93
CA GLU A 75 0.42 11.86 25.59
C GLU A 75 1.35 11.17 24.62
N GLU A 76 2.12 10.17 25.07
CA GLU A 76 3.08 9.53 24.19
C GLU A 76 3.33 8.07 24.56
N VAL A 77 3.88 7.82 25.73
CA VAL A 77 4.39 6.48 26.03
C VAL A 77 3.27 5.48 26.25
N VAL A 78 2.14 5.92 26.83
CA VAL A 78 1.06 4.99 27.14
C VAL A 78 0.56 4.31 25.89
N TYR A 79 0.50 5.03 24.78
CA TYR A 79 0.03 4.41 23.53
C TYR A 79 0.95 3.29 23.08
N VAL A 80 2.24 3.39 23.37
CA VAL A 80 3.13 2.31 22.98
C VAL A 80 2.87 1.07 23.83
N LEU A 81 2.71 1.25 25.13
CA LEU A 81 2.34 0.13 26.00
C LEU A 81 1.03 -0.51 25.57
N GLU A 82 0.02 0.31 25.29
CA GLU A 82 -1.26 -0.22 24.85
C GLU A 82 -1.11 -1.06 23.58
N GLU A 83 -0.31 -0.57 22.63
CA GLU A 83 -0.10 -1.31 21.40
C GLU A 83 0.59 -2.63 21.66
N ILE A 84 1.57 -2.64 22.56
CA ILE A 84 2.31 -3.86 22.84
C ILE A 84 1.38 -4.91 23.44
N GLU A 85 0.62 -4.53 24.46
CA GLU A 85 -0.26 -5.49 25.12
C GLU A 85 -1.30 -6.03 24.13
N TYR A 86 -1.90 -5.13 23.36
CA TYR A 86 -2.88 -5.53 22.35
C TYR A 86 -2.29 -6.51 21.36
N MET A 87 -1.10 -6.21 20.82
CA MET A 87 -0.54 -7.08 19.79
C MET A 87 -0.14 -8.44 20.34
N ILE A 88 0.41 -8.47 21.54
CA ILE A 88 0.70 -9.75 22.18
C ILE A 88 -0.57 -10.59 22.24
N GLN A 89 -1.67 -10.00 22.73
CA GLN A 89 -2.90 -10.76 22.86
C GLN A 89 -3.40 -11.27 21.51
N LYS A 90 -3.33 -10.45 20.48
CA LYS A 90 -3.95 -10.79 19.20
C LYS A 90 -3.01 -11.49 18.23
N LEU A 91 -1.71 -11.59 18.54
CA LEU A 91 -0.76 -12.06 17.53
C LEU A 91 -1.11 -13.44 17.00
N PRO A 92 -1.41 -14.45 17.82
CA PRO A 92 -1.71 -15.77 17.23
C PRO A 92 -2.87 -15.73 16.25
N GLU A 93 -3.94 -15.01 16.57
CA GLU A 93 -5.08 -14.92 15.67
C GLU A 93 -4.72 -14.18 14.38
N TRP A 94 -4.03 -13.04 14.49
CA TRP A 94 -3.64 -12.28 13.30
C TRP A 94 -2.72 -13.09 12.40
N ALA A 95 -1.82 -13.88 13.00
CA ALA A 95 -0.82 -14.62 12.25
C ALA A 95 -1.37 -15.89 11.63
N ALA A 96 -2.54 -16.33 12.04
CA ALA A 96 -3.11 -17.56 11.52
C ALA A 96 -3.42 -17.42 10.04
N ASP A 97 -3.16 -18.48 9.28
CA ASP A 97 -3.73 -18.56 7.94
C ASP A 97 -5.21 -18.21 7.99
N GLU A 98 -5.66 -17.42 7.02
CA GLU A 98 -7.01 -16.90 7.04
C GLU A 98 -7.82 -17.50 5.89
N PRO A 99 -8.76 -18.41 6.17
CA PRO A 99 -9.61 -18.93 5.09
C PRO A 99 -10.43 -17.81 4.46
N VAL A 100 -10.65 -17.92 3.15
CA VAL A 100 -11.44 -16.95 2.40
C VAL A 100 -12.54 -17.68 1.66
N GLU A 101 -13.43 -16.89 1.04
CA GLU A 101 -14.64 -17.44 0.46
C GLU A 101 -14.33 -18.29 -0.77
N LYS A 102 -14.98 -19.44 -0.86
CA LYS A 102 -14.78 -20.35 -1.98
C LYS A 102 -15.82 -20.06 -3.07
N THR A 103 -15.84 -20.87 -4.12
CA THR A 103 -16.83 -20.82 -5.18
C THR A 103 -17.35 -22.22 -5.45
N PRO A 104 -18.41 -22.35 -6.25
CA PRO A 104 -18.88 -23.70 -6.62
C PRO A 104 -17.80 -24.59 -7.23
N GLN A 105 -16.85 -24.00 -7.95
CA GLN A 105 -15.79 -24.77 -8.60
C GLN A 105 -14.60 -25.07 -7.68
N THR A 106 -14.53 -24.46 -6.49
CA THR A 106 -13.37 -24.60 -5.62
C THR A 106 -13.73 -25.26 -4.29
N GLN A 107 -14.86 -25.98 -4.23
CA GLN A 107 -15.34 -26.55 -2.97
C GLN A 107 -14.34 -27.56 -2.40
N GLN A 108 -13.66 -28.31 -3.25
CA GLN A 108 -12.70 -29.29 -2.76
C GLN A 108 -11.33 -28.68 -2.50
N ASP A 109 -11.18 -27.38 -2.68
CA ASP A 109 -9.88 -26.73 -2.55
C ASP A 109 -9.80 -25.96 -1.24
N GLU A 110 -8.58 -25.65 -0.83
CA GLU A 110 -8.34 -24.71 0.25
C GLU A 110 -7.98 -23.37 -0.36
N LEU A 111 -8.63 -22.31 0.12
CA LEU A 111 -8.33 -20.94 -0.26
C LEU A 111 -8.09 -20.13 1.00
N TYR A 112 -6.91 -19.52 1.11
CA TYR A 112 -6.63 -18.77 2.33
C TYR A 112 -5.53 -17.74 2.08
N ILE A 113 -5.45 -16.78 3.00
CA ILE A 113 -4.40 -15.77 3.02
C ILE A 113 -3.36 -16.18 4.04
N HIS A 114 -2.10 -16.21 3.62
CA HIS A 114 -0.97 -16.57 4.46
C HIS A 114 -0.18 -15.29 4.73
N SER A 115 0.01 -14.95 6.01
CA SER A 115 0.79 -13.77 6.37
C SER A 115 2.22 -14.17 6.68
N GLU A 116 3.17 -13.40 6.16
CA GLU A 116 4.58 -13.69 6.37
C GLU A 116 5.31 -12.36 6.44
N PRO A 117 6.40 -12.28 7.21
CA PRO A 117 7.14 -11.03 7.28
C PRO A 117 7.68 -10.63 5.91
N LEU A 118 7.93 -9.33 5.76
CA LEU A 118 8.55 -8.80 4.56
C LEU A 118 10.06 -8.96 4.60
N GLY A 119 10.64 -8.82 5.79
CA GLY A 119 12.07 -9.08 5.95
C GLY A 119 12.74 -8.12 6.92
N VAL A 120 13.51 -7.20 6.35
CA VAL A 120 14.14 -6.13 7.12
C VAL A 120 13.35 -4.87 6.82
N VAL A 121 12.70 -4.35 7.85
CA VAL A 121 11.91 -3.12 7.78
C VAL A 121 12.74 -1.99 8.36
N LEU A 122 12.69 -0.82 7.73
CA LEU A 122 13.29 0.39 8.28
C LEU A 122 12.20 1.29 8.84
N VAL A 123 12.38 1.77 10.08
CA VAL A 123 11.53 2.81 10.65
C VAL A 123 12.36 4.07 10.83
N ILE A 124 12.00 5.13 10.12
CA ILE A 124 12.61 6.43 10.31
C ILE A 124 11.69 7.23 11.21
N GLY A 125 12.18 7.56 12.40
CA GLY A 125 11.37 8.31 13.34
C GLY A 125 11.43 9.80 13.08
N THR A 126 10.57 10.52 13.78
CA THR A 126 10.63 11.97 13.77
C THR A 126 10.77 12.47 15.20
N TRP A 127 10.84 13.79 15.33
CA TRP A 127 11.35 14.39 16.56
C TRP A 127 10.28 14.88 17.53
N ASN A 128 9.02 15.03 17.11
CA ASN A 128 8.06 15.68 17.98
CA ASN A 128 8.04 15.68 17.97
C ASN A 128 7.44 14.73 19.00
N TYR A 129 7.33 13.45 18.67
CA TYR A 129 6.95 12.37 19.59
C TYR A 129 8.04 11.33 19.37
N PRO A 130 9.23 11.57 19.91
CA PRO A 130 10.39 10.80 19.45
C PRO A 130 10.44 9.39 20.01
N PHE A 131 9.70 9.11 21.08
CA PHE A 131 9.57 7.72 21.51
C PHE A 131 8.43 7.02 20.76
N ASN A 132 7.25 7.62 20.76
CA ASN A 132 6.12 6.95 20.14
C ASN A 132 6.35 6.71 18.65
N LEU A 133 6.82 7.73 17.93
CA LEU A 133 6.91 7.61 16.47
C LEU A 133 8.16 6.88 16.03
N THR A 134 8.98 6.40 16.95
CA THR A 134 9.97 5.39 16.62
C THR A 134 9.54 4.00 17.07
N ILE A 135 9.07 3.88 18.31
CA ILE A 135 8.83 2.55 18.87
C ILE A 135 7.45 2.00 18.54
N GLN A 136 6.42 2.85 18.39
CA GLN A 136 5.11 2.23 18.13
C GLN A 136 5.10 1.61 16.74
N PRO A 137 5.67 2.24 15.70
CA PRO A 137 5.81 1.52 14.42
C PRO A 137 6.64 0.25 14.58
N MET A 138 7.70 0.32 15.37
CA MET A 138 8.56 -0.84 15.56
C MET A 138 7.78 -2.01 16.14
N VAL A 139 6.94 -1.73 17.13
CA VAL A 139 6.12 -2.76 17.76
C VAL A 139 5.37 -3.56 16.71
N GLY A 140 4.71 -2.86 15.77
CA GLY A 140 3.99 -3.57 14.72
C GLY A 140 4.89 -4.40 13.83
N ALA A 141 6.05 -3.86 13.45
CA ALA A 141 6.95 -4.58 12.56
C ALA A 141 7.57 -5.79 13.26
N ILE A 142 7.79 -5.68 14.57
CA ILE A 142 8.27 -6.83 15.33
C ILE A 142 7.20 -7.91 15.37
N ALA A 143 5.96 -7.52 15.69
CA ALA A 143 4.86 -8.47 15.75
C ALA A 143 4.71 -9.23 14.45
N ALA A 144 4.94 -8.56 13.32
CA ALA A 144 4.82 -9.19 12.02
C ALA A 144 6.01 -10.06 11.66
N GLY A 145 7.00 -10.17 12.55
CA GLY A 145 8.11 -11.08 12.33
C GLY A 145 9.28 -10.54 11.52
N ASN A 146 9.41 -9.23 11.47
CA ASN A 146 10.51 -8.65 10.66
C ASN A 146 11.70 -8.21 11.51
N SER A 147 12.86 -8.07 10.87
CA SER A 147 13.97 -7.37 11.52
C SER A 147 13.56 -5.89 11.41
N VAL A 148 13.84 -5.07 12.40
CA VAL A 148 13.45 -3.66 12.35
C VAL A 148 14.69 -2.81 12.64
N VAL A 149 15.14 -2.08 11.61
CA VAL A 149 16.21 -1.10 11.77
C VAL A 149 15.58 0.24 12.13
N LEU A 150 16.12 0.91 13.15
CA LEU A 150 15.57 2.20 13.61
C LEU A 150 16.51 3.34 13.26
N LYS A 151 15.95 4.42 12.68
CA LYS A 151 16.67 5.69 12.56
C LYS A 151 15.93 6.75 13.35
N PRO A 152 16.33 7.04 14.58
CA PRO A 152 15.71 8.14 15.31
C PRO A 152 16.06 9.46 14.63
N SER A 153 15.23 10.46 14.89
CA SER A 153 15.52 11.80 14.43
C SER A 153 16.64 12.42 15.27
N GLU A 154 17.59 13.05 14.60
CA GLU A 154 18.67 13.73 15.31
C GLU A 154 18.20 14.99 16.05
N LEU A 155 17.06 15.59 15.66
CA LEU A 155 16.66 16.85 16.28
C LEU A 155 16.29 16.68 17.74
N SER A 156 15.74 15.52 18.11
CA SER A 156 15.44 15.19 19.50
C SER A 156 16.65 14.39 20.00
N GLU A 157 17.71 15.13 20.32
CA GLU A 157 19.03 14.54 20.50
C GLU A 157 19.06 13.61 21.69
N ASN A 158 18.35 13.97 22.76
CA ASN A 158 18.45 13.20 23.99
C ASN A 158 17.73 11.87 23.84
N MET A 159 16.54 11.88 23.23
CA MET A 159 15.88 10.60 22.98
C MET A 159 16.65 9.77 21.95
N ALA A 160 17.28 10.39 20.96
CA ALA A 160 18.05 9.60 20.01
C ALA A 160 19.20 8.88 20.71
N SER A 161 19.90 9.59 21.58
CA SER A 161 21.03 8.97 22.28
C SER A 161 20.56 7.92 23.27
N LEU A 162 19.45 8.19 23.98
CA LEU A 162 18.90 7.21 24.91
C LEU A 162 18.53 5.91 24.20
N LEU A 163 17.79 6.00 23.08
CA LEU A 163 17.38 4.77 22.40
C LEU A 163 18.59 3.99 21.89
N ALA A 164 19.61 4.68 21.40
CA ALA A 164 20.80 3.98 20.93
C ALA A 164 21.42 3.16 22.04
N THR A 165 21.26 3.60 23.29
CA THR A 165 21.80 2.89 24.45
C THR A 165 20.89 1.75 24.88
N ILE A 166 19.60 2.02 25.06
CA ILE A 166 18.77 1.06 25.77
C ILE A 166 18.12 0.02 24.85
N ILE A 167 17.83 0.32 23.59
CA ILE A 167 17.25 -0.68 22.71
C ILE A 167 18.11 -1.94 22.67
N PRO A 168 19.42 -1.88 22.41
CA PRO A 168 20.23 -3.11 22.40
C PRO A 168 20.40 -3.74 23.78
N GLN A 169 20.12 -3.01 24.86
CA GLN A 169 20.12 -3.60 26.20
C GLN A 169 18.92 -4.50 26.44
N TYR A 170 17.86 -4.35 25.64
CA TYR A 170 16.62 -5.10 25.83
C TYR A 170 16.26 -6.00 24.67
N LEU A 171 16.54 -5.57 23.45
CA LEU A 171 16.16 -6.29 22.25
C LEU A 171 17.36 -7.02 21.68
N ASP A 172 17.06 -8.04 20.88
CA ASP A 172 18.08 -8.72 20.10
C ASP A 172 18.96 -7.69 19.39
N LYS A 173 20.29 -7.87 19.49
CA LYS A 173 21.20 -6.83 18.99
C LYS A 173 21.39 -6.87 17.47
N ASP A 174 21.26 -8.03 16.84
CA ASP A 174 21.42 -8.09 15.38
C ASP A 174 20.15 -7.65 14.64
N LEU A 175 18.99 -8.08 15.14
CA LEU A 175 17.74 -7.88 14.42
C LEU A 175 17.21 -6.45 14.51
N TYR A 176 17.50 -5.73 15.59
CA TYR A 176 16.85 -4.46 15.89
C TYR A 176 17.88 -3.36 16.16
N PRO A 177 18.74 -3.07 15.19
CA PRO A 177 19.77 -2.04 15.42
C PRO A 177 19.20 -0.63 15.40
N VAL A 178 19.90 0.27 16.10
CA VAL A 178 19.63 1.70 16.07
C VAL A 178 20.75 2.36 15.26
N ILE A 179 20.39 3.06 14.20
CA ILE A 179 21.34 3.79 13.38
C ILE A 179 21.44 5.23 13.90
N ASN A 180 22.65 5.62 14.29
CA ASN A 180 22.91 6.98 14.74
C ASN A 180 23.06 7.91 13.55
N GLY A 181 22.92 9.20 13.81
CA GLY A 181 23.30 10.21 12.85
C GLY A 181 22.16 11.14 12.50
N GLY A 182 22.39 11.93 11.44
CA GLY A 182 21.44 12.93 10.97
C GLY A 182 21.16 12.72 9.50
N VAL A 183 21.09 13.82 8.77
CA VAL A 183 20.74 13.74 7.35
C VAL A 183 21.73 12.91 6.57
N PRO A 184 23.05 13.16 6.64
CA PRO A 184 23.99 12.32 5.88
C PRO A 184 23.84 10.85 6.18
N GLU A 185 23.71 10.48 7.46
CA GLU A 185 23.61 9.07 7.82
C GLU A 185 22.30 8.48 7.32
N THR A 186 21.21 9.25 7.35
CA THR A 186 19.97 8.74 6.79
C THR A 186 20.08 8.54 5.29
N THR A 187 20.71 9.49 4.59
CA THR A 187 20.91 9.31 3.16
C THR A 187 21.74 8.07 2.88
N GLU A 188 22.79 7.87 3.65
CA GLU A 188 23.60 6.66 3.53
C GLU A 188 22.76 5.41 3.81
N LEU A 189 21.98 5.45 4.88
CA LEU A 189 21.16 4.30 5.26
C LEU A 189 20.18 3.95 4.14
N LEU A 190 19.63 4.97 3.48
CA LEU A 190 18.61 4.76 2.45
C LEU A 190 19.17 4.13 1.18
N LYS A 191 20.49 4.02 1.07
CA LYS A 191 21.06 3.25 -0.01
C LYS A 191 20.94 1.75 0.24
N GLU A 192 20.77 1.36 1.49
CA GLU A 192 20.64 -0.06 1.81
C GLU A 192 19.29 -0.57 1.33
N ARG A 193 19.20 -1.89 1.15
CA ARG A 193 18.00 -2.53 0.62
C ARG A 193 17.14 -3.03 1.78
N PHE A 194 15.96 -2.44 1.94
CA PHE A 194 14.98 -2.86 2.93
C PHE A 194 13.76 -3.43 2.22
N ASP A 195 12.94 -4.15 2.99
CA ASP A 195 11.73 -4.77 2.47
C ASP A 195 10.48 -3.95 2.74
N HIS A 196 10.58 -2.91 3.57
CA HIS A 196 9.54 -1.91 3.78
C HIS A 196 10.18 -0.77 4.52
N ILE A 197 9.71 0.44 4.25
CA ILE A 197 10.18 1.62 4.95
C ILE A 197 8.96 2.36 5.46
N LEU A 198 8.90 2.58 6.77
CA LEU A 198 7.92 3.51 7.30
C LEU A 198 8.65 4.77 7.73
N TYR A 199 8.19 5.92 7.23
CA TYR A 199 8.80 7.21 7.49
C TYR A 199 7.73 8.16 7.97
N THR A 200 7.99 8.85 9.07
CA THR A 200 7.13 9.93 9.56
C THR A 200 7.94 11.21 9.49
N GLY A 201 7.37 12.23 8.86
CA GLY A 201 8.06 13.51 8.76
C GLY A 201 7.38 14.47 7.79
N SER A 202 8.16 15.19 6.98
CA SER A 202 7.59 16.20 6.12
C SER A 202 7.20 15.63 4.76
N THR A 203 6.28 16.33 4.09
CA THR A 203 5.85 15.96 2.74
C THR A 203 7.04 15.95 1.78
N GLY A 204 7.86 16.99 1.82
CA GLY A 204 9.00 17.07 0.90
C GLY A 204 9.98 15.93 1.07
N VAL A 205 10.34 15.62 2.32
CA VAL A 205 11.27 14.51 2.51
C VAL A 205 10.64 13.17 2.17
N GLY A 206 9.30 13.06 2.31
CA GLY A 206 8.64 11.84 1.89
C GLY A 206 8.91 11.49 0.44
N LYS A 207 8.98 12.51 -0.43
CA LYS A 207 9.29 12.22 -1.83
C LYS A 207 10.70 11.67 -1.98
N ILE A 208 11.62 12.15 -1.17
CA ILE A 208 13.00 11.65 -1.18
C ILE A 208 13.04 10.19 -0.73
N ILE A 209 12.29 9.88 0.34
CA ILE A 209 12.20 8.50 0.81
C ILE A 209 11.67 7.60 -0.29
N MET A 210 10.57 8.01 -0.93
CA MET A 210 9.97 7.16 -1.94
C MET A 210 10.90 6.97 -3.13
N THR A 211 11.66 8.00 -3.48
CA THR A 211 12.61 7.89 -4.58
C THR A 211 13.73 6.90 -4.24
N ALA A 212 14.26 6.98 -3.02
CA ALA A 212 15.25 6.00 -2.60
C ALA A 212 14.66 4.59 -2.58
N ALA A 213 13.43 4.46 -2.08
CA ALA A 213 12.80 3.16 -2.02
C ALA A 213 12.61 2.55 -3.40
N ALA A 214 12.25 3.38 -4.38
CA ALA A 214 12.02 2.88 -5.74
C ALA A 214 13.25 2.19 -6.30
N LYS A 215 14.45 2.58 -5.85
CA LYS A 215 15.67 1.95 -6.35
C LYS A 215 15.70 0.46 -6.04
N HIS A 216 15.01 0.02 -4.98
CA HIS A 216 14.96 -1.40 -4.62
C HIS A 216 13.54 -1.97 -4.68
N LEU A 217 12.59 -1.23 -5.24
CA LEU A 217 11.18 -1.63 -5.20
C LEU A 217 10.73 -1.92 -3.76
N THR A 218 11.12 -1.04 -2.86
CA THR A 218 10.76 -1.13 -1.45
C THR A 218 9.41 -0.47 -1.22
N PRO A 219 8.39 -1.18 -0.75
CA PRO A 219 7.12 -0.51 -0.44
C PRO A 219 7.29 0.44 0.74
N VAL A 220 6.49 1.50 0.75
CA VAL A 220 6.66 2.54 1.77
C VAL A 220 5.33 2.86 2.43
N THR A 221 5.41 3.17 3.71
CA THR A 221 4.34 3.81 4.48
C THR A 221 4.87 5.20 4.82
N LEU A 222 4.25 6.23 4.26
CA LEU A 222 4.69 7.62 4.43
C LEU A 222 3.64 8.36 5.23
N GLU A 223 4.03 8.83 6.41
CA GLU A 223 3.18 9.56 7.34
C GLU A 223 3.67 10.99 7.33
N LEU A 224 2.97 11.87 6.58
CA LEU A 224 3.57 13.15 6.24
C LEU A 224 2.79 14.33 6.81
N GLY A 225 2.69 15.43 6.05
CA GLY A 225 2.16 16.64 6.65
C GLY A 225 1.12 17.36 5.81
N GLY A 226 0.89 18.60 6.18
CA GLY A 226 -0.18 19.39 5.63
C GLY A 226 -0.70 20.31 6.71
N LYS A 227 -1.82 20.97 6.44
CA LYS A 227 -2.46 21.84 7.42
C LYS A 227 -3.83 21.27 7.72
N SER A 228 -3.99 20.69 8.90
CA SER A 228 -5.26 20.07 9.27
C SER A 228 -6.27 21.15 9.61
N PRO A 229 -7.32 21.34 8.81
CA PRO A 229 -8.30 22.39 9.10
C PRO A 229 -9.18 22.02 10.27
N CYS A 230 -9.73 23.05 10.91
CA CYS A 230 -10.68 22.90 12.01
C CYS A 230 -11.87 23.82 11.74
N TYR A 231 -12.93 23.25 11.18
CA TYR A 231 -14.13 24.02 10.87
C TYR A 231 -15.01 24.09 12.12
N VAL A 232 -15.44 25.31 12.49
CA VAL A 232 -16.28 25.50 13.67
C VAL A 232 -17.62 26.05 13.22
N ASP A 233 -18.68 25.28 13.47
CA ASP A 233 -20.01 25.59 12.96
C ASP A 233 -20.63 26.71 13.78
N LYS A 234 -21.40 27.55 13.10
CA LYS A 234 -21.89 28.78 13.70
C LYS A 234 -22.72 28.55 14.95
N ASN A 235 -23.45 27.42 15.03
CA ASN A 235 -24.50 27.24 16.03
C ASN A 235 -24.16 26.19 17.09
N CYS A 236 -22.90 25.83 17.23
CA CYS A 236 -22.53 24.78 18.18
C CYS A 236 -22.08 25.39 19.50
N ASP A 237 -21.85 24.52 20.48
CA ASP A 237 -21.49 24.94 21.84
C ASP A 237 -20.03 25.34 21.85
N LEU A 238 -19.75 26.64 21.74
CA LEU A 238 -18.37 27.10 21.59
C LEU A 238 -17.55 26.94 22.87
N ASP A 239 -18.19 26.86 24.04
CA ASP A 239 -17.40 26.65 25.24
C ASP A 239 -16.76 25.28 25.22
N VAL A 240 -17.53 24.24 24.85
CA VAL A 240 -16.99 22.90 24.72
C VAL A 240 -15.99 22.84 23.58
N ALA A 241 -16.39 23.32 22.40
CA ALA A 241 -15.54 23.21 21.22
C ALA A 241 -14.18 23.87 21.44
N CYS A 242 -14.15 25.09 22.00
CA CYS A 242 -12.89 25.81 22.08
C CYS A 242 -11.97 25.23 23.15
N ARG A 243 -12.52 24.64 24.20
CA ARG A 243 -11.63 23.95 25.14
C ARG A 243 -10.97 22.75 24.47
N ARG A 244 -11.72 21.99 23.66
CA ARG A 244 -11.10 20.85 22.98
C ARG A 244 -10.10 21.31 21.94
N ILE A 245 -10.44 22.34 21.16
CA ILE A 245 -9.52 22.85 20.15
C ILE A 245 -8.25 23.37 20.81
N ALA A 246 -8.39 24.13 21.89
CA ALA A 246 -7.22 24.67 22.56
C ALA A 246 -6.31 23.55 23.03
N TRP A 247 -6.90 22.48 23.57
CA TRP A 247 -6.11 21.36 24.07
C TRP A 247 -5.28 20.72 22.95
N GLY A 248 -5.91 20.44 21.81
CA GLY A 248 -5.20 19.77 20.73
C GLY A 248 -4.21 20.68 20.03
N LYS A 249 -4.56 21.96 19.89
CA LYS A 249 -3.64 22.89 19.22
C LYS A 249 -2.37 23.10 20.02
N PHE A 250 -2.49 23.21 21.34
CA PHE A 250 -1.35 23.71 22.11
C PHE A 250 -0.61 22.63 22.88
N MET A 251 -1.07 21.38 22.79
CA MET A 251 -0.28 20.29 23.33
C MET A 251 1.02 20.14 22.54
N ASN A 252 2.08 19.76 23.26
CA ASN A 252 3.43 19.68 22.68
C ASN A 252 3.83 20.99 22.00
N SER A 253 3.37 22.12 22.56
CA SER A 253 3.64 23.43 22.01
C SER A 253 3.29 23.50 20.53
N GLY A 254 2.15 22.91 20.19
CA GLY A 254 1.63 22.89 18.83
C GLY A 254 2.34 21.97 17.86
N GLN A 255 3.31 21.18 18.32
CA GLN A 255 4.15 20.38 17.43
C GLN A 255 3.56 18.97 17.30
N THR A 256 2.39 18.91 16.66
CA THR A 256 1.70 17.65 16.52
C THR A 256 1.19 17.53 15.09
N CYS A 257 1.39 16.33 14.52
CA CYS A 257 1.05 16.06 13.10
CA CYS A 257 1.06 16.09 13.11
C CYS A 257 -0.43 16.23 12.84
N VAL A 258 -1.28 16.00 13.84
CA VAL A 258 -2.71 16.19 13.64
C VAL A 258 -3.25 17.31 14.52
N ALA A 259 -2.40 18.26 14.90
CA ALA A 259 -2.92 19.45 15.56
C ALA A 259 -3.94 20.13 14.66
N PRO A 260 -5.01 20.69 15.25
CA PRO A 260 -5.88 21.55 14.44
C PRO A 260 -5.08 22.78 14.05
N ASP A 261 -4.62 22.79 12.79
CA ASP A 261 -3.63 23.77 12.35
C ASP A 261 -4.20 25.18 12.36
N TYR A 262 -5.37 25.35 11.75
CA TYR A 262 -6.03 26.64 11.63
C TYR A 262 -7.53 26.45 11.79
N ILE A 263 -8.22 27.55 12.07
CA ILE A 263 -9.66 27.53 12.26
C ILE A 263 -10.32 28.19 11.06
N LEU A 264 -11.42 27.60 10.60
CA LEU A 264 -12.36 28.23 9.68
C LEU A 264 -13.69 28.46 10.41
N CYS A 265 -14.21 29.69 10.34
CA CYS A 265 -15.44 29.96 11.07
C CYS A 265 -16.16 31.15 10.45
N ASP A 266 -17.46 31.23 10.72
CA ASP A 266 -18.22 32.39 10.29
C ASP A 266 -17.67 33.64 10.98
N PRO A 267 -17.59 34.78 10.29
CA PRO A 267 -17.13 36.01 10.95
C PRO A 267 -17.89 36.31 12.25
N SER A 268 -19.17 35.91 12.34
CA SER A 268 -19.98 36.32 13.48
C SER A 268 -19.54 35.65 14.80
N ILE A 269 -18.77 34.55 14.76
CA ILE A 269 -18.34 33.89 15.99
C ILE A 269 -16.85 34.05 16.24
N GLN A 270 -16.16 34.85 15.44
CA GLN A 270 -14.70 34.93 15.57
C GLN A 270 -14.28 35.41 16.96
N ASN A 271 -14.92 36.47 17.47
CA ASN A 271 -14.50 37.00 18.78
C ASN A 271 -14.92 36.06 19.90
N GLN A 272 -16.06 35.39 19.77
CA GLN A 272 -16.41 34.36 20.73
C GLN A 272 -15.37 33.24 20.76
N ILE A 273 -14.90 32.83 19.59
CA ILE A 273 -13.86 31.81 19.56
C ILE A 273 -12.60 32.31 20.26
N VAL A 274 -12.21 33.57 20.00
CA VAL A 274 -11.00 34.08 20.62
C VAL A 274 -11.14 34.09 22.14
N GLU A 275 -12.27 34.61 22.64
CA GLU A 275 -12.42 34.73 24.08
C GLU A 275 -12.44 33.37 24.77
N LYS A 276 -13.07 32.39 24.16
CA LYS A 276 -13.19 31.09 24.81
C LYS A 276 -11.88 30.31 24.71
N LEU A 277 -11.15 30.47 23.59
CA LEU A 277 -9.79 29.92 23.54
C LEU A 277 -8.92 30.51 24.63
N LYS A 278 -8.96 31.84 24.80
CA LYS A 278 -8.18 32.48 25.87
C LYS A 278 -8.56 31.93 27.22
N LYS A 279 -9.84 31.76 27.46
CA LYS A 279 -10.28 31.26 28.77
C LYS A 279 -9.71 29.87 29.03
N SER A 280 -9.77 28.99 28.03
CA SER A 280 -9.24 27.64 28.21
C SER A 280 -7.73 27.66 28.39
N LEU A 281 -7.03 28.50 27.60
CA LEU A 281 -5.57 28.59 27.71
C LEU A 281 -5.13 29.07 29.09
N LYS A 282 -5.87 30.01 29.70
CA LYS A 282 -5.46 30.45 31.04
C LYS A 282 -5.74 29.38 32.08
N GLU A 283 -6.83 28.62 31.92
CA GLU A 283 -7.08 27.48 32.79
C GLU A 283 -5.99 26.42 32.64
N PHE A 284 -5.56 26.14 31.40
CA PHE A 284 -4.53 25.12 31.18
C PHE A 284 -3.19 25.55 31.72
N TYR A 285 -2.75 26.76 31.38
CA TYR A 285 -1.36 27.15 31.51
C TYR A 285 -1.14 28.39 32.36
N GLY A 286 -2.19 28.99 32.88
CA GLY A 286 -2.05 30.22 33.64
C GLY A 286 -1.86 31.44 32.76
N GLU A 287 -1.67 32.59 33.42
CA GLU A 287 -1.50 33.86 32.71
C GLU A 287 -0.23 33.87 31.88
N ASP A 288 0.86 33.31 32.40
CA ASP A 288 2.16 33.29 31.74
C ASP A 288 2.49 31.82 31.47
N ALA A 289 2.22 31.34 30.24
CA ALA A 289 2.42 29.94 29.93
C ALA A 289 3.87 29.51 30.08
N LYS A 290 4.81 30.47 30.05
CA LYS A 290 6.23 30.17 30.28
C LYS A 290 6.46 29.53 31.65
N LYS A 291 5.59 29.77 32.62
CA LYS A 291 5.76 29.21 33.94
C LYS A 291 4.98 27.92 34.15
N SER A 292 4.25 27.45 33.15
CA SER A 292 3.48 26.21 33.28
C SER A 292 4.36 24.99 33.05
N ARG A 293 4.32 24.03 33.98
CA ARG A 293 5.02 22.76 33.80
C ARG A 293 4.48 21.96 32.62
N ASP A 294 3.28 22.29 32.15
CA ASP A 294 2.55 21.52 31.15
C ASP A 294 2.71 22.07 29.74
N TYR A 295 3.42 23.17 29.57
CA TYR A 295 3.57 23.80 28.27
C TYR A 295 4.95 23.46 27.72
N GLY A 296 4.99 23.12 26.41
CA GLY A 296 6.21 22.63 25.80
C GLY A 296 7.11 23.75 25.29
N ARG A 297 8.20 23.33 24.62
CA ARG A 297 9.10 24.27 23.96
C ARG A 297 9.38 23.79 22.54
N ILE A 298 9.72 24.74 21.67
CA ILE A 298 10.02 24.38 20.28
C ILE A 298 11.30 23.55 20.24
N ILE A 299 11.38 22.64 19.27
CA ILE A 299 12.43 21.62 19.23
C ILE A 299 13.80 22.22 18.94
N SER A 300 13.88 23.25 18.09
CA SER A 300 15.17 23.76 17.65
C SER A 300 15.12 25.25 17.39
N ALA A 301 16.32 25.85 17.29
CA ALA A 301 16.43 27.27 16.97
C ALA A 301 15.82 27.59 15.62
N ARG A 302 16.08 26.75 14.62
CA ARG A 302 15.52 26.98 13.29
C ARG A 302 13.99 26.94 13.31
N HIS A 303 13.41 25.98 14.02
CA HIS A 303 11.95 25.92 14.05
C HIS A 303 11.37 27.06 14.88
N PHE A 304 12.07 27.46 15.95
CA PHE A 304 11.67 28.64 16.69
C PHE A 304 11.63 29.86 15.78
N GLN A 305 12.70 30.08 15.00
CA GLN A 305 12.70 31.27 14.18
C GLN A 305 11.67 31.17 13.08
N ARG A 306 11.44 29.95 12.59
CA ARG A 306 10.41 29.75 11.57
C ARG A 306 9.05 30.14 12.11
N VAL A 307 8.70 29.66 13.31
CA VAL A 307 7.35 29.89 13.82
C VAL A 307 7.16 31.34 14.19
N MET A 308 8.14 31.96 14.86
CA MET A 308 8.05 33.40 15.13
C MET A 308 7.84 34.18 13.84
N GLY A 309 8.53 33.79 12.77
CA GLY A 309 8.37 34.49 11.51
C GLY A 309 6.94 34.49 11.01
N LEU A 310 6.21 33.40 11.30
CA LEU A 310 4.80 33.31 10.85
C LEU A 310 3.91 34.25 11.61
N ILE A 311 4.35 34.77 12.75
CA ILE A 311 3.60 35.76 13.51
C ILE A 311 3.75 37.15 12.89
N GLU A 312 4.85 37.40 12.19
CA GLU A 312 5.15 38.72 11.68
C GLU A 312 4.05 39.22 10.77
N GLY A 313 3.62 40.46 11.00
CA GLY A 313 2.65 41.08 10.15
C GLY A 313 1.22 40.68 10.42
N GLN A 314 0.98 39.76 11.35
CA GLN A 314 -0.36 39.28 11.69
C GLN A 314 -0.95 40.09 12.83
N LYS A 315 -2.27 40.01 12.97
CA LYS A 315 -2.97 40.65 14.07
C LYS A 315 -3.04 39.67 15.23
N VAL A 316 -2.37 40.01 16.33
CA VAL A 316 -2.24 39.11 17.47
C VAL A 316 -3.34 39.42 18.46
N ALA A 317 -4.24 38.45 18.67
CA ALA A 317 -5.29 38.55 19.67
C ALA A 317 -4.86 38.02 21.03
N TYR A 318 -3.80 37.20 21.07
CA TYR A 318 -3.31 36.63 22.31
C TYR A 318 -1.89 36.14 22.06
N GLY A 319 -1.02 36.32 23.05
CA GLY A 319 0.35 35.83 22.91
C GLY A 319 1.15 36.70 21.98
N GLY A 320 1.89 36.05 21.08
CA GLY A 320 2.67 36.72 20.06
C GLY A 320 4.12 36.98 20.42
N THR A 321 4.57 36.58 21.60
CA THR A 321 5.94 36.80 22.03
C THR A 321 6.64 35.47 22.20
N GLY A 322 7.97 35.51 22.18
CA GLY A 322 8.76 34.31 22.41
C GLY A 322 10.04 34.62 23.14
N ASP A 323 10.70 33.56 23.58
CA ASP A 323 12.04 33.65 24.15
C ASP A 323 12.96 32.76 23.33
N ALA A 324 13.83 33.38 22.52
CA ALA A 324 14.66 32.59 21.63
C ALA A 324 15.56 31.63 22.39
N ALA A 325 16.13 32.09 23.50
CA ALA A 325 17.18 31.32 24.17
C ALA A 325 16.67 29.98 24.67
N THR A 326 15.42 29.92 25.11
CA THR A 326 14.83 28.68 25.58
C THR A 326 13.72 28.18 24.68
N ARG A 327 13.49 28.85 23.55
CA ARG A 327 12.60 28.35 22.50
C ARG A 327 11.15 28.27 22.99
N TYR A 328 10.77 29.24 23.79
CA TYR A 328 9.39 29.40 24.23
C TYR A 328 8.64 30.32 23.28
N ILE A 329 7.49 29.86 22.79
CA ILE A 329 6.57 30.73 22.05
C ILE A 329 5.26 30.75 22.82
N ALA A 330 4.80 31.94 23.18
CA ALA A 330 3.58 32.03 23.97
C ALA A 330 2.40 31.53 23.15
N PRO A 331 1.40 30.92 23.78
CA PRO A 331 0.21 30.48 23.03
C PRO A 331 -0.39 31.70 22.33
N THR A 332 -0.53 31.60 21.01
CA THR A 332 -0.81 32.75 20.16
C THR A 332 -2.06 32.51 19.32
N ILE A 333 -2.93 33.52 19.27
CA ILE A 333 -4.13 33.49 18.44
C ILE A 333 -4.05 34.67 17.49
N LEU A 334 -4.32 34.42 16.21
CA LEU A 334 -4.30 35.45 15.16
C LEU A 334 -5.67 35.54 14.54
N THR A 335 -6.15 36.77 14.32
CA THR A 335 -7.49 37.03 13.81
C THR A 335 -7.47 37.52 12.36
N ASP A 336 -8.60 37.31 11.68
CA ASP A 336 -8.82 37.84 10.33
C ASP A 336 -7.64 37.57 9.42
N VAL A 337 -7.18 36.30 9.41
CA VAL A 337 -5.93 35.98 8.73
C VAL A 337 -6.14 35.93 7.22
N ASP A 338 -5.19 36.48 6.49
CA ASP A 338 -5.20 36.40 5.03
C ASP A 338 -4.73 35.01 4.63
N PRO A 339 -5.53 34.24 3.89
CA PRO A 339 -5.11 32.87 3.53
C PRO A 339 -3.86 32.84 2.66
N GLN A 340 -3.48 33.98 2.06
CA GLN A 340 -2.29 34.04 1.24
C GLN A 340 -1.02 34.34 2.03
N SER A 341 -1.14 34.62 3.32
CA SER A 341 0.00 35.00 4.13
C SER A 341 0.77 33.77 4.61
N PRO A 342 2.00 33.96 5.08
CA PRO A 342 2.87 32.81 5.39
C PRO A 342 2.26 31.82 6.38
N VAL A 343 1.57 32.30 7.43
CA VAL A 343 1.04 31.41 8.46
C VAL A 343 -0.03 30.49 7.86
N MET A 344 -0.65 30.89 6.74
CA MET A 344 -1.60 30.04 6.06
C MET A 344 -1.04 29.39 4.80
N GLN A 345 0.29 29.38 4.62
CA GLN A 345 0.92 28.76 3.46
C GLN A 345 1.91 27.66 3.85
N GLU A 346 2.00 27.30 5.12
CA GLU A 346 2.81 26.16 5.51
C GLU A 346 2.22 25.56 6.79
N GLU A 347 2.53 24.28 7.00
CA GLU A 347 2.19 23.62 8.25
C GLU A 347 2.85 24.34 9.42
N ILE A 348 2.04 24.80 10.37
CA ILE A 348 2.57 25.70 11.40
C ILE A 348 3.45 24.93 12.37
N PHE A 349 2.97 23.79 12.87
CA PHE A 349 3.74 22.98 13.80
C PHE A 349 4.29 23.84 14.94
N GLY A 350 3.40 24.65 15.51
CA GLY A 350 3.75 25.52 16.60
C GLY A 350 2.51 26.16 17.20
N PRO A 351 2.68 26.89 18.29
CA PRO A 351 1.53 27.35 19.08
C PRO A 351 1.00 28.69 18.58
N VAL A 352 0.66 28.73 17.30
CA VAL A 352 0.12 29.92 16.64
C VAL A 352 -1.13 29.46 15.91
N LEU A 353 -2.29 29.98 16.32
CA LEU A 353 -3.57 29.50 15.82
C LEU A 353 -4.24 30.60 15.00
N PRO A 354 -4.19 30.52 13.67
CA PRO A 354 -4.85 31.53 12.85
C PRO A 354 -6.32 31.19 12.64
N ILE A 355 -7.14 32.24 12.56
CA ILE A 355 -8.57 32.14 12.30
C ILE A 355 -8.83 32.74 10.94
N VAL A 356 -9.43 31.96 10.05
CA VAL A 356 -9.80 32.41 8.70
C VAL A 356 -11.31 32.44 8.60
N CYS A 357 -11.85 33.58 8.22
CA CYS A 357 -13.30 33.70 8.14
C CYS A 357 -13.82 33.11 6.83
N VAL A 358 -14.91 32.38 6.93
CA VAL A 358 -15.63 31.90 5.75
C VAL A 358 -17.12 32.17 5.98
N ARG A 359 -17.85 32.27 4.88
CA ARG A 359 -19.22 32.74 4.97
C ARG A 359 -20.24 31.62 4.89
N SER A 360 -19.82 30.40 4.57
CA SER A 360 -20.74 29.27 4.63
C SER A 360 -19.94 27.97 4.74
N LEU A 361 -20.65 26.90 5.12
CA LEU A 361 -20.07 25.57 5.03
C LEU A 361 -19.55 25.26 3.63
N GLU A 362 -20.31 25.66 2.60
CA GLU A 362 -19.87 25.40 1.24
C GLU A 362 -18.54 26.09 0.94
N GLU A 363 -18.39 27.34 1.38
CA GLU A 363 -17.12 28.03 1.19
C GLU A 363 -15.98 27.32 1.95
N ALA A 364 -16.26 26.85 3.16
CA ALA A 364 -15.23 26.09 3.90
C ALA A 364 -14.80 24.85 3.13
N ILE A 365 -15.77 24.09 2.63
CA ILE A 365 -15.45 22.87 1.88
C ILE A 365 -14.60 23.21 0.67
N GLN A 366 -14.98 24.25 -0.08
CA GLN A 366 -14.20 24.65 -1.23
C GLN A 366 -12.79 25.09 -0.82
N PHE A 367 -12.68 25.83 0.28
CA PHE A 367 -11.37 26.24 0.79
C PHE A 367 -10.48 25.02 1.05
N ILE A 368 -11.01 24.05 1.80
CA ILE A 368 -10.29 22.82 2.11
C ILE A 368 -9.89 22.06 0.84
N ASN A 369 -10.83 21.94 -0.12
CA ASN A 369 -10.55 21.13 -1.30
C ASN A 369 -9.53 21.76 -2.24
N GLN A 370 -9.39 23.08 -2.22
CA GLN A 370 -8.43 23.75 -3.10
C GLN A 370 -7.02 23.61 -2.58
N ARG A 371 -6.86 23.16 -1.35
CA ARG A 371 -5.56 22.92 -0.74
C ARG A 371 -5.26 21.41 -0.78
N GLU A 372 -4.04 21.08 -0.41
CA GLU A 372 -3.62 19.69 -0.42
C GLU A 372 -4.34 18.90 0.68
N LYS A 373 -4.50 17.60 0.46
CA LYS A 373 -5.28 16.78 1.39
C LYS A 373 -4.59 16.69 2.76
N PRO A 374 -5.25 17.06 3.84
CA PRO A 374 -4.57 17.11 5.14
C PRO A 374 -4.57 15.76 5.83
N LEU A 375 -3.60 15.59 6.75
CA LEU A 375 -3.53 14.36 7.52
C LEU A 375 -4.80 14.17 8.34
N ALA A 376 -5.32 15.24 8.90
CA ALA A 376 -6.55 15.21 9.68
C ALA A 376 -7.45 16.34 9.20
N LEU A 377 -8.76 16.13 9.36
CA LEU A 377 -9.76 17.18 9.16
C LEU A 377 -10.67 17.15 10.37
N TYR A 378 -10.90 18.32 10.96
CA TYR A 378 -11.73 18.48 12.14
C TYR A 378 -12.92 19.40 11.85
N MET A 379 -14.05 19.10 12.48
CA MET A 379 -15.22 19.95 12.42
C MET A 379 -15.95 19.89 13.75
N PHE A 380 -16.44 21.05 14.19
CA PHE A 380 -17.22 21.17 15.42
C PHE A 380 -18.62 21.63 15.05
N SER A 381 -19.62 20.83 15.40
CA SER A 381 -21.01 21.09 15.03
C SER A 381 -21.95 20.09 15.69
N SER A 382 -23.13 20.54 16.10
CA SER A 382 -24.15 19.65 16.63
C SER A 382 -25.18 19.29 15.58
N ASN A 383 -24.87 19.52 14.31
CA ASN A 383 -25.74 19.23 13.18
C ASN A 383 -25.15 18.05 12.40
N ASP A 384 -25.75 16.86 12.54
CA ASP A 384 -25.17 15.71 11.86
C ASP A 384 -25.09 15.89 10.35
N LYS A 385 -26.05 16.61 9.76
CA LYS A 385 -26.02 16.83 8.32
C LYS A 385 -24.80 17.66 7.91
N VAL A 386 -24.42 18.64 8.73
CA VAL A 386 -23.20 19.41 8.46
C VAL A 386 -21.99 18.49 8.46
N ILE A 387 -21.89 17.66 9.51
CA ILE A 387 -20.77 16.73 9.64
C ILE A 387 -20.72 15.80 8.44
N LYS A 388 -21.84 15.18 8.09
CA LYS A 388 -21.81 14.18 7.02
C LYS A 388 -21.47 14.83 5.68
N LYS A 389 -21.98 16.04 5.44
CA LYS A 389 -21.71 16.72 4.18
C LYS A 389 -20.24 17.08 4.05
N MET A 390 -19.63 17.62 5.11
CA MET A 390 -18.23 18.01 5.01
C MET A 390 -17.35 16.78 4.77
N ILE A 391 -17.64 15.68 5.44
CA ILE A 391 -16.88 14.45 5.20
C ILE A 391 -17.09 13.98 3.76
N ALA A 392 -18.34 13.95 3.33
CA ALA A 392 -18.68 13.44 2.00
C ALA A 392 -17.95 14.19 0.89
N GLU A 393 -17.71 15.48 1.05
CA GLU A 393 -17.23 16.31 -0.05
C GLU A 393 -15.77 16.71 0.07
N THR A 394 -15.08 16.25 1.11
CA THR A 394 -13.66 16.50 1.30
C THR A 394 -12.90 15.17 1.30
N SER A 395 -11.57 15.26 1.41
CA SER A 395 -10.74 14.08 1.59
C SER A 395 -9.58 14.44 2.51
N SER A 396 -9.33 13.59 3.49
CA SER A 396 -8.27 13.80 4.45
C SER A 396 -7.82 12.44 4.96
N GLY A 397 -6.68 12.40 5.63
CA GLY A 397 -6.21 11.11 6.10
C GLY A 397 -7.22 10.48 7.04
N GLY A 398 -7.58 11.22 8.09
CA GLY A 398 -8.63 10.83 9.01
C GLY A 398 -9.48 12.03 9.37
N VAL A 399 -10.51 11.79 10.16
CA VAL A 399 -11.47 12.82 10.53
C VAL A 399 -11.85 12.65 11.98
N ALA A 400 -11.96 13.75 12.71
CA ALA A 400 -12.62 13.76 14.02
C ALA A 400 -13.65 14.89 14.00
N ALA A 401 -14.86 14.56 14.43
CA ALA A 401 -15.92 15.55 14.57
C ALA A 401 -16.18 15.75 16.05
N ASN A 402 -16.13 17.02 16.49
CA ASN A 402 -16.36 17.45 17.85
C ASN A 402 -15.27 17.03 18.82
N ASP A 403 -14.12 16.61 18.31
CA ASP A 403 -12.92 16.49 19.14
C ASP A 403 -11.71 16.63 18.23
N VAL A 404 -10.53 16.68 18.83
CA VAL A 404 -9.29 16.67 18.07
C VAL A 404 -8.37 15.60 18.65
N ILE A 405 -7.38 15.19 17.85
CA ILE A 405 -6.29 14.29 18.25
C ILE A 405 -6.75 12.85 18.40
N VAL A 406 -7.86 12.64 19.10
CA VAL A 406 -8.17 11.33 19.67
C VAL A 406 -8.34 10.25 18.60
N HIS A 407 -8.75 10.61 17.39
CA HIS A 407 -9.03 9.57 16.41
C HIS A 407 -7.79 8.79 15.99
N ILE A 408 -6.57 9.29 16.28
CA ILE A 408 -5.36 8.55 15.96
C ILE A 408 -4.87 7.74 17.15
N THR A 409 -5.67 7.61 18.21
CA THR A 409 -5.29 6.88 19.41
C THR A 409 -6.08 5.59 19.60
N LEU A 410 -6.95 5.25 18.67
CA LEU A 410 -7.87 4.12 18.80
C LEU A 410 -7.37 2.94 18.00
N HIS A 411 -7.32 1.76 18.64
CA HIS A 411 -6.77 0.57 17.99
C HIS A 411 -7.49 0.26 16.68
N SER A 412 -8.75 0.63 16.57
CA SER A 412 -9.61 0.18 15.48
C SER A 412 -9.65 1.17 14.32
N LEU A 413 -8.99 2.32 14.43
CA LEU A 413 -8.98 3.34 13.38
C LEU A 413 -7.59 3.48 12.78
N PRO A 414 -7.30 2.80 11.66
CA PRO A 414 -5.98 2.95 11.03
C PRO A 414 -5.59 4.41 10.86
N PHE A 415 -4.31 4.69 11.06
CA PHE A 415 -3.80 6.06 11.11
C PHE A 415 -2.89 6.31 9.91
N GLY A 416 -3.32 7.22 9.02
CA GLY A 416 -2.48 7.56 7.88
C GLY A 416 -3.08 8.68 7.07
N GLY A 417 -2.30 9.13 6.09
CA GLY A 417 -2.67 10.26 5.26
C GLY A 417 -3.18 9.86 3.90
N VAL A 418 -3.34 10.87 3.05
CA VAL A 418 -3.71 10.67 1.66
C VAL A 418 -3.11 11.82 0.86
N GLY A 419 -2.71 11.54 -0.38
CA GLY A 419 -2.12 12.62 -1.15
C GLY A 419 -0.89 13.14 -0.45
N ASN A 420 -0.75 14.47 -0.36
CA ASN A 420 0.46 15.04 0.24
C ASN A 420 0.61 14.71 1.71
N SER A 421 -0.45 14.29 2.40
CA SER A 421 -0.26 13.90 3.79
C SER A 421 0.20 12.44 3.94
N GLY A 422 0.34 11.69 2.86
CA GLY A 422 1.00 10.39 2.91
C GLY A 422 0.20 9.28 2.28
N MET A 423 0.76 8.06 2.39
CA MET A 423 0.16 6.85 1.86
C MET A 423 0.41 5.72 2.85
N GLY A 424 -0.54 4.79 2.94
CA GLY A 424 -0.44 3.71 3.91
C GLY A 424 -0.91 4.16 5.28
N SER A 425 -0.91 3.20 6.22
CA SER A 425 -1.47 3.47 7.53
C SER A 425 -0.98 2.38 8.48
N TYR A 426 -1.09 2.64 9.77
CA TYR A 426 -0.75 1.61 10.75
C TYR A 426 -1.56 1.85 12.02
N HIS A 427 -1.17 1.14 13.10
CA HIS A 427 -1.87 1.07 14.38
C HIS A 427 -2.70 -0.20 14.47
N GLY A 428 -2.56 -0.92 15.58
CA GLY A 428 -3.38 -2.11 15.78
C GLY A 428 -3.16 -3.14 14.68
N LYS A 429 -4.24 -3.81 14.29
CA LYS A 429 -4.14 -4.86 13.28
C LYS A 429 -3.52 -4.33 12.00
N LYS A 430 -3.83 -3.09 11.64
CA LYS A 430 -3.27 -2.52 10.42
C LYS A 430 -1.76 -2.54 10.43
N SER A 431 -1.15 -2.34 11.61
CA SER A 431 0.32 -2.43 11.69
C SER A 431 0.80 -3.81 11.29
N PHE A 432 0.12 -4.85 11.78
CA PHE A 432 0.54 -6.20 11.44
C PHE A 432 0.39 -6.44 9.93
N GLU A 433 -0.72 -6.00 9.34
CA GLU A 433 -0.90 -6.16 7.90
C GLU A 433 0.13 -5.34 7.12
N THR A 434 0.35 -4.09 7.52
CA THR A 434 1.28 -3.24 6.80
C THR A 434 2.68 -3.84 6.75
N PHE A 435 3.09 -4.51 7.82
CA PHE A 435 4.45 -5.04 7.90
C PHE A 435 4.51 -6.52 7.52
N SER A 436 3.47 -7.04 6.86
CA SER A 436 3.44 -8.40 6.36
C SER A 436 3.22 -8.38 4.85
N HIS A 437 3.58 -9.50 4.22
CA HIS A 437 3.05 -9.82 2.91
C HIS A 437 1.85 -10.75 3.11
N ARG A 438 0.70 -10.33 2.62
CA ARG A 438 -0.52 -11.12 2.63
C ARG A 438 -0.56 -11.91 1.33
N ARG A 439 -0.30 -13.21 1.43
CA ARG A 439 0.01 -14.07 0.30
C ARG A 439 -1.19 -14.97 0.02
N SER A 440 -1.80 -14.82 -1.15
CA SER A 440 -2.94 -15.64 -1.51
C SER A 440 -2.49 -17.07 -1.81
N CYS A 441 -3.20 -18.04 -1.24
CA CYS A 441 -2.83 -19.44 -1.35
C CYS A 441 -4.01 -20.28 -1.84
N LEU A 442 -3.76 -21.13 -2.84
CA LEU A 442 -4.74 -22.09 -3.33
C LEU A 442 -4.14 -23.47 -3.30
N VAL A 443 -4.78 -24.39 -2.57
CA VAL A 443 -4.28 -25.75 -2.43
C VAL A 443 -5.37 -26.69 -2.91
N ARG A 444 -5.10 -27.42 -3.99
CA ARG A 444 -6.05 -28.35 -4.59
C ARG A 444 -5.59 -29.79 -4.46
N PRO A 445 -6.51 -30.74 -4.51
CA PRO A 445 -6.10 -32.15 -4.58
C PRO A 445 -5.43 -32.45 -5.91
N LEU A 446 -4.34 -33.21 -5.86
CA LEU A 446 -3.68 -33.64 -7.08
C LEU A 446 -4.40 -34.86 -7.62
N MET A 447 -5.72 -34.79 -7.65
CA MET A 447 -6.56 -35.87 -8.13
C MET A 447 -7.09 -35.52 -9.51
N ASN A 448 -7.06 -36.49 -10.42
CA ASN A 448 -7.65 -36.27 -11.72
C ASN A 448 -9.02 -35.65 -11.57
N ASP A 449 -9.30 -34.64 -12.37
CA ASP A 449 -10.59 -33.97 -12.34
C ASP A 449 -11.11 -33.90 -13.76
N GLU A 450 -12.28 -34.51 -13.99
CA GLU A 450 -12.93 -34.43 -15.28
C GLU A 450 -13.64 -33.10 -15.49
N GLY A 451 -13.96 -32.40 -14.40
CA GLY A 451 -14.55 -31.07 -14.53
C GLY A 451 -13.56 -29.99 -14.92
N LEU A 452 -12.26 -30.26 -14.77
CA LEU A 452 -11.23 -29.32 -15.22
C LEU A 452 -10.86 -29.49 -16.69
N LYS A 453 -11.05 -30.69 -17.25
CA LYS A 453 -10.49 -30.97 -18.57
C LYS A 453 -11.05 -30.06 -19.65
N VAL A 454 -12.19 -29.42 -19.42
CA VAL A 454 -12.71 -28.50 -20.43
C VAL A 454 -11.75 -27.34 -20.69
N ARG A 455 -10.85 -27.04 -19.74
CA ARG A 455 -9.95 -25.90 -19.89
C ARG A 455 -8.75 -26.21 -20.80
N TYR A 456 -8.47 -27.52 -21.08
CA TYR A 456 -7.32 -27.91 -21.86
C TYR A 456 -7.64 -27.85 -23.36
N PRO A 457 -6.66 -27.51 -24.19
CA PRO A 457 -6.79 -27.72 -25.63
C PRO A 457 -6.85 -29.20 -25.94
N PRO A 458 -7.44 -29.60 -27.08
CA PRO A 458 -7.96 -28.67 -28.09
C PRO A 458 -9.26 -28.00 -27.65
N SER A 459 -9.48 -26.79 -28.13
CA SER A 459 -10.71 -26.10 -27.80
C SER A 459 -11.86 -26.60 -28.67
N PRO A 460 -13.10 -26.47 -28.19
CA PRO A 460 -14.26 -26.84 -29.00
C PRO A 460 -14.44 -25.90 -30.19
N ALA A 461 -15.36 -26.28 -31.07
CA ALA A 461 -15.73 -25.43 -32.20
C ALA A 461 -16.94 -24.57 -31.85
N SER B 15 -0.40 20.26 -24.49
CA SER B 15 -0.27 19.04 -25.28
C SER B 15 -1.50 18.15 -25.15
N LYS B 16 -1.66 17.21 -26.09
CA LYS B 16 -2.83 16.33 -26.07
C LYS B 16 -2.88 15.51 -24.80
N ILE B 17 -1.73 15.00 -24.34
CA ILE B 17 -1.71 14.23 -23.10
C ILE B 17 -2.14 15.09 -21.93
N SER B 18 -1.60 16.30 -21.85
CA SER B 18 -1.89 17.17 -20.73
C SER B 18 -3.35 17.60 -20.73
N GLU B 19 -3.92 17.85 -21.91
CA GLU B 19 -5.33 18.23 -21.99
C GLU B 19 -6.24 17.08 -21.56
N ALA B 20 -5.91 15.85 -21.96
CA ALA B 20 -6.70 14.68 -21.55
C ALA B 20 -6.76 14.57 -20.04
N VAL B 21 -5.62 14.72 -19.36
CA VAL B 21 -5.61 14.61 -17.90
C VAL B 21 -6.33 15.80 -17.27
N LYS B 22 -6.16 16.99 -17.84
CA LYS B 22 -6.87 18.17 -17.35
C LYS B 22 -8.39 17.95 -17.41
N ARG B 23 -8.89 17.39 -18.52
CA ARG B 23 -10.33 17.16 -18.64
C ARG B 23 -10.80 16.07 -17.68
N ALA B 24 -9.97 15.06 -17.46
CA ALA B 24 -10.36 14.00 -16.55
C ALA B 24 -10.46 14.51 -15.13
N ARG B 25 -9.49 15.36 -14.72
CA ARG B 25 -9.53 15.88 -13.36
C ARG B 25 -10.69 16.87 -13.18
N ALA B 26 -10.94 17.72 -14.18
CA ALA B 26 -12.10 18.60 -14.10
C ALA B 26 -13.38 17.78 -13.98
N ALA B 27 -13.53 16.72 -14.78
CA ALA B 27 -14.73 15.90 -14.70
C ALA B 27 -14.84 15.21 -13.34
N PHE B 28 -13.73 14.71 -12.80
CA PHE B 28 -13.79 14.17 -11.45
C PHE B 28 -14.25 15.24 -10.46
N SER B 29 -13.64 16.42 -10.52
CA SER B 29 -13.93 17.46 -9.54
C SER B 29 -15.37 17.90 -9.58
N SER B 30 -16.09 17.60 -10.67
CA SER B 30 -17.49 18.00 -10.77
C SER B 30 -18.39 17.16 -9.88
N GLY B 31 -17.90 16.03 -9.36
CA GLY B 31 -18.68 15.15 -8.51
C GLY B 31 -19.40 14.03 -9.24
N ARG B 32 -19.26 13.96 -10.57
CA ARG B 32 -20.05 13.05 -11.39
C ARG B 32 -19.88 11.59 -11.00
N THR B 33 -18.69 11.20 -10.53
CA THR B 33 -18.41 9.80 -10.25
C THR B 33 -18.86 9.36 -8.86
N ARG B 34 -19.32 10.28 -8.03
CA ARG B 34 -19.57 9.95 -6.62
C ARG B 34 -20.81 9.09 -6.44
N PRO B 35 -21.96 9.37 -7.06
CA PRO B 35 -23.13 8.49 -6.88
C PRO B 35 -22.87 7.09 -7.43
N LEU B 36 -23.27 6.08 -6.66
CA LEU B 36 -23.06 4.72 -7.12
C LEU B 36 -23.78 4.46 -8.42
N GLN B 37 -24.93 5.10 -8.63
CA GLN B 37 -25.69 4.93 -9.86
C GLN B 37 -24.82 5.20 -11.08
N PHE B 38 -24.02 6.28 -11.05
CA PHE B 38 -23.17 6.61 -12.19
C PHE B 38 -22.12 5.52 -12.43
N ARG B 39 -21.52 5.03 -11.36
CA ARG B 39 -20.45 4.05 -11.51
C ARG B 39 -20.98 2.76 -12.11
N ILE B 40 -22.13 2.30 -11.61
CA ILE B 40 -22.74 1.08 -12.13
C ILE B 40 -23.06 1.23 -13.60
N GLN B 41 -23.51 2.41 -14.01
CA GLN B 41 -23.82 2.63 -15.41
C GLN B 41 -22.57 2.49 -16.27
N GLN B 42 -21.44 3.04 -15.82
CA GLN B 42 -20.21 2.88 -16.58
C GLN B 42 -19.80 1.42 -16.65
N LEU B 43 -19.94 0.69 -15.54
CA LEU B 43 -19.65 -0.74 -15.54
C LEU B 43 -20.58 -1.51 -16.47
N GLU B 44 -21.88 -1.16 -16.46
CA GLU B 44 -22.80 -1.78 -17.40
C GLU B 44 -22.46 -1.42 -18.84
N ALA B 45 -21.92 -0.22 -19.08
CA ALA B 45 -21.45 0.14 -20.41
C ALA B 45 -20.29 -0.75 -20.84
N LEU B 46 -19.40 -1.11 -19.92
CA LEU B 46 -18.30 -1.99 -20.28
C LEU B 46 -18.81 -3.39 -20.60
N GLN B 47 -19.84 -3.85 -19.88
CA GLN B 47 -20.46 -5.12 -20.22
C GLN B 47 -21.01 -5.07 -21.64
N ARG B 48 -21.66 -3.95 -21.99
CA ARG B 48 -22.18 -3.77 -23.34
C ARG B 48 -21.06 -3.77 -24.36
N LEU B 49 -19.94 -3.10 -24.04
CA LEU B 49 -18.80 -3.09 -24.94
C LEU B 49 -18.34 -4.51 -25.23
N ILE B 50 -18.19 -5.33 -24.20
CA ILE B 50 -17.69 -6.70 -24.38
C ILE B 50 -18.65 -7.49 -25.27
N GLN B 51 -19.97 -7.28 -25.09
CA GLN B 51 -20.95 -8.04 -25.86
C GLN B 51 -21.00 -7.58 -27.31
N GLU B 52 -21.02 -6.26 -27.53
CA GLU B 52 -21.18 -5.74 -28.89
C GLU B 52 -19.90 -5.82 -29.70
N GLN B 53 -18.74 -5.78 -29.03
CA GLN B 53 -17.44 -5.74 -29.69
C GLN B 53 -16.74 -7.09 -29.62
N GLU B 54 -17.48 -8.18 -29.43
CA GLU B 54 -16.87 -9.49 -29.28
C GLU B 54 -15.97 -9.83 -30.46
N GLN B 55 -16.51 -9.73 -31.69
CA GLN B 55 -15.73 -10.12 -32.87
C GLN B 55 -14.53 -9.20 -33.07
N GLU B 56 -14.68 -7.92 -32.72
CA GLU B 56 -13.56 -6.99 -32.82
C GLU B 56 -12.48 -7.35 -31.81
N LEU B 57 -12.87 -7.71 -30.58
CA LEU B 57 -11.90 -8.09 -29.55
C LEU B 57 -11.19 -9.38 -29.92
N VAL B 58 -11.94 -10.39 -30.39
CA VAL B 58 -11.31 -11.63 -30.82
C VAL B 58 -10.32 -11.37 -31.95
N GLY B 59 -10.74 -10.56 -32.93
CA GLY B 59 -9.87 -10.29 -34.05
C GLY B 59 -8.59 -9.57 -33.65
N ALA B 60 -8.69 -8.67 -32.67
CA ALA B 60 -7.49 -7.96 -32.21
C ALA B 60 -6.52 -8.91 -31.50
N LEU B 61 -7.04 -9.78 -30.63
CA LEU B 61 -6.17 -10.74 -29.95
C LEU B 61 -5.60 -11.76 -30.93
N ALA B 62 -6.38 -12.16 -31.94
CA ALA B 62 -5.84 -13.02 -32.98
C ALA B 62 -4.67 -12.36 -33.68
N ALA B 63 -4.83 -11.09 -34.08
CA ALA B 63 -3.77 -10.41 -34.80
C ALA B 63 -2.55 -10.17 -33.92
N ASP B 64 -2.76 -9.80 -32.66
CA ASP B 64 -1.63 -9.50 -31.78
C ASP B 64 -0.90 -10.76 -31.35
N LEU B 65 -1.65 -11.78 -30.92
CA LEU B 65 -1.06 -12.88 -30.17
C LEU B 65 -1.45 -14.26 -30.71
N HIS B 66 -2.08 -14.31 -31.88
CA HIS B 66 -2.58 -15.57 -32.47
C HIS B 66 -3.51 -16.29 -31.51
N LYS B 67 -4.34 -15.53 -30.81
CA LYS B 67 -5.42 -16.12 -30.03
C LYS B 67 -6.61 -16.43 -30.96
N ASN B 68 -7.53 -17.23 -30.46
CA ASN B 68 -8.76 -17.56 -31.17
C ASN B 68 -9.96 -17.21 -30.28
N GLU B 69 -11.17 -17.41 -30.82
CA GLU B 69 -12.36 -16.95 -30.10
C GLU B 69 -12.52 -17.66 -28.75
N TRP B 70 -12.03 -18.90 -28.63
CA TRP B 70 -12.26 -19.64 -27.39
C TRP B 70 -11.34 -19.14 -26.27
N ASN B 71 -10.02 -19.13 -26.51
CA ASN B 71 -9.14 -18.70 -25.44
C ASN B 71 -9.10 -17.18 -25.29
N ALA B 72 -9.55 -16.44 -26.30
CA ALA B 72 -9.79 -15.02 -26.06
C ALA B 72 -10.79 -14.84 -24.93
N TYR B 73 -11.84 -15.67 -24.90
CA TYR B 73 -12.88 -15.47 -23.90
C TYR B 73 -12.56 -16.16 -22.58
N TYR B 74 -12.24 -17.45 -22.62
CA TYR B 74 -12.10 -18.21 -21.38
C TYR B 74 -10.76 -17.96 -20.67
N GLU B 75 -9.77 -17.41 -21.35
CA GLU B 75 -8.46 -17.16 -20.74
C GLU B 75 -8.21 -15.68 -20.50
N GLU B 76 -9.16 -14.80 -20.82
CA GLU B 76 -8.93 -13.36 -20.68
C GLU B 76 -10.23 -12.57 -20.47
N VAL B 77 -11.12 -12.55 -21.47
CA VAL B 77 -12.26 -11.64 -21.44
C VAL B 77 -13.25 -12.04 -20.35
N VAL B 78 -13.42 -13.34 -20.11
CA VAL B 78 -14.45 -13.77 -19.17
C VAL B 78 -14.15 -13.25 -17.77
N TYR B 79 -12.87 -13.13 -17.41
CA TYR B 79 -12.56 -12.64 -16.08
C TYR B 79 -12.92 -11.17 -15.93
N VAL B 80 -12.89 -10.40 -17.02
CA VAL B 80 -13.34 -9.01 -16.93
C VAL B 80 -14.84 -8.97 -16.68
N LEU B 81 -15.61 -9.80 -17.38
CA LEU B 81 -17.05 -9.84 -17.17
C LEU B 81 -17.37 -10.32 -15.75
N GLU B 82 -16.68 -11.36 -15.28
CA GLU B 82 -16.87 -11.83 -13.91
C GLU B 82 -16.61 -10.70 -12.92
N GLU B 83 -15.51 -9.97 -13.10
CA GLU B 83 -15.18 -8.86 -12.21
C GLU B 83 -16.30 -7.82 -12.21
N ILE B 84 -16.75 -7.42 -13.41
CA ILE B 84 -17.79 -6.39 -13.50
C ILE B 84 -19.04 -6.83 -12.76
N GLU B 85 -19.52 -8.04 -13.05
CA GLU B 85 -20.73 -8.51 -12.40
C GLU B 85 -20.58 -8.53 -10.89
N TYR B 86 -19.43 -8.97 -10.41
CA TYR B 86 -19.21 -9.07 -8.97
C TYR B 86 -19.20 -7.70 -8.32
N MET B 87 -18.45 -6.77 -8.87
CA MET B 87 -18.33 -5.46 -8.22
C MET B 87 -19.64 -4.68 -8.30
N ILE B 88 -20.42 -4.87 -9.37
CA ILE B 88 -21.73 -4.22 -9.42
C ILE B 88 -22.60 -4.71 -8.28
N GLN B 89 -22.67 -6.02 -8.08
CA GLN B 89 -23.53 -6.55 -7.03
C GLN B 89 -23.07 -6.14 -5.65
N LYS B 90 -21.75 -6.02 -5.41
CA LYS B 90 -21.24 -5.74 -4.08
C LYS B 90 -20.94 -4.27 -3.83
N LEU B 91 -21.07 -3.40 -4.84
CA LEU B 91 -20.61 -2.02 -4.69
C LEU B 91 -21.27 -1.29 -3.53
N PRO B 92 -22.59 -1.39 -3.31
CA PRO B 92 -23.18 -0.66 -2.16
C PRO B 92 -22.63 -1.12 -0.81
N GLU B 93 -22.46 -2.42 -0.60
CA GLU B 93 -21.89 -2.88 0.66
C GLU B 93 -20.48 -2.35 0.84
N TRP B 94 -19.65 -2.47 -0.20
CA TRP B 94 -18.26 -2.01 -0.09
C TRP B 94 -18.20 -0.51 0.15
N ALA B 95 -19.04 0.27 -0.53
CA ALA B 95 -18.96 1.72 -0.42
C ALA B 95 -19.53 2.28 0.87
N ALA B 96 -20.30 1.48 1.60
CA ALA B 96 -20.95 1.98 2.81
C ALA B 96 -19.89 2.34 3.86
N ASP B 97 -20.20 3.36 4.66
CA ASP B 97 -19.41 3.56 5.87
C ASP B 97 -19.39 2.28 6.68
N GLU B 98 -18.23 1.96 7.25
CA GLU B 98 -18.02 0.70 7.97
C GLU B 98 -17.75 0.94 9.45
N PRO B 99 -18.73 0.77 10.33
CA PRO B 99 -18.46 0.84 11.77
C PRO B 99 -17.39 -0.15 12.20
N VAL B 100 -16.58 0.27 13.17
CA VAL B 100 -15.51 -0.56 13.70
C VAL B 100 -15.69 -0.69 15.22
N GLU B 101 -14.87 -1.55 15.82
CA GLU B 101 -14.96 -1.80 17.26
C GLU B 101 -14.71 -0.52 18.04
N LYS B 102 -15.47 -0.36 19.14
CA LYS B 102 -15.32 0.77 20.04
C LYS B 102 -14.49 0.37 21.27
N THR B 103 -14.47 1.25 22.25
CA THR B 103 -13.85 0.98 23.55
C THR B 103 -14.77 1.55 24.61
N PRO B 104 -14.56 1.22 25.89
CA PRO B 104 -15.41 1.82 26.93
C PRO B 104 -15.44 3.34 26.86
N GLN B 105 -14.30 3.95 26.59
CA GLN B 105 -14.21 5.40 26.54
C GLN B 105 -14.82 5.99 25.26
N THR B 106 -15.12 5.17 24.25
CA THR B 106 -15.72 5.68 23.01
C THR B 106 -17.11 5.12 22.77
N GLN B 107 -17.76 4.58 23.81
CA GLN B 107 -19.00 3.86 23.59
C GLN B 107 -20.13 4.76 23.11
N GLN B 108 -20.06 6.07 23.37
CA GLN B 108 -21.10 7.00 22.95
C GLN B 108 -20.74 7.70 21.65
N ASP B 109 -19.61 7.36 21.05
CA ASP B 109 -19.16 7.95 19.80
C ASP B 109 -19.50 7.03 18.63
N GLU B 110 -19.34 7.58 17.43
CA GLU B 110 -19.35 6.81 16.20
C GLU B 110 -17.90 6.61 15.76
N LEU B 111 -17.51 5.36 15.51
CA LEU B 111 -16.21 5.05 14.91
C LEU B 111 -16.46 4.30 13.63
N TYR B 112 -15.92 4.80 12.51
CA TYR B 112 -16.16 4.07 11.28
C TYR B 112 -15.10 4.42 10.23
N ILE B 113 -15.01 3.56 9.22
CA ILE B 113 -14.13 3.76 8.08
C ILE B 113 -14.98 4.29 6.92
N HIS B 114 -14.60 5.44 6.40
CA HIS B 114 -15.28 6.07 5.27
C HIS B 114 -14.45 5.82 4.02
N SER B 115 -15.06 5.25 2.98
CA SER B 115 -14.36 5.01 1.73
C SER B 115 -14.65 6.15 0.76
N GLU B 116 -13.62 6.61 0.05
CA GLU B 116 -13.79 7.68 -0.92
C GLU B 116 -12.79 7.50 -2.06
N PRO B 117 -13.11 7.98 -3.27
CA PRO B 117 -12.19 7.86 -4.39
C PRO B 117 -10.89 8.63 -4.14
N LEU B 118 -9.83 8.17 -4.82
CA LEU B 118 -8.55 8.86 -4.80
C LEU B 118 -8.53 10.05 -5.75
N GLY B 119 -9.21 9.95 -6.89
CA GLY B 119 -9.29 11.04 -7.84
C GLY B 119 -9.12 10.58 -9.28
N VAL B 120 -7.97 10.86 -9.87
CA VAL B 120 -7.65 10.42 -11.22
C VAL B 120 -6.63 9.30 -11.11
N VAL B 121 -7.01 8.11 -11.55
CA VAL B 121 -6.16 6.94 -11.49
C VAL B 121 -5.62 6.66 -12.87
N LEU B 122 -4.35 6.27 -12.95
CA LEU B 122 -3.74 5.84 -14.20
C LEU B 122 -3.55 4.33 -14.17
N VAL B 123 -4.02 3.67 -15.22
CA VAL B 123 -3.78 2.24 -15.45
C VAL B 123 -2.90 2.12 -16.68
N ILE B 124 -1.71 1.55 -16.51
CA ILE B 124 -0.81 1.24 -17.62
C ILE B 124 -0.93 -0.26 -17.90
N GLY B 125 -1.44 -0.60 -19.07
CA GLY B 125 -1.59 -1.99 -19.41
C GLY B 125 -0.30 -2.58 -19.93
N THR B 126 -0.33 -3.89 -20.09
CA THR B 126 0.77 -4.62 -20.74
C THR B 126 0.20 -5.37 -21.95
N TRP B 127 1.08 -6.05 -22.67
CA TRP B 127 0.74 -6.55 -24.00
C TRP B 127 0.29 -8.01 -24.04
N ASN B 128 0.60 -8.82 -23.03
CA ASN B 128 0.39 -10.26 -23.18
CA ASN B 128 0.39 -10.26 -23.15
C ASN B 128 -1.06 -10.67 -22.95
N TYR B 129 -1.80 -9.91 -22.13
CA TYR B 129 -3.24 -10.07 -22.00
C TYR B 129 -3.77 -8.65 -22.11
N PRO B 130 -3.81 -8.09 -23.33
CA PRO B 130 -3.98 -6.64 -23.47
C PRO B 130 -5.37 -6.17 -23.21
N PHE B 131 -6.36 -7.08 -23.17
CA PHE B 131 -7.68 -6.63 -22.76
C PHE B 131 -7.86 -6.74 -21.26
N ASN B 132 -7.54 -7.90 -20.68
CA ASN B 132 -7.75 -8.07 -19.25
C ASN B 132 -6.89 -7.11 -18.45
N LEU B 133 -5.62 -7.03 -18.79
CA LEU B 133 -4.69 -6.27 -17.98
C LEU B 133 -4.78 -4.76 -18.23
N THR B 134 -5.65 -4.33 -19.14
CA THR B 134 -6.02 -2.92 -19.19
C THR B 134 -7.38 -2.68 -18.55
N ILE B 135 -8.36 -3.54 -18.84
CA ILE B 135 -9.73 -3.26 -18.44
C ILE B 135 -10.07 -3.81 -17.06
N GLN B 136 -9.46 -4.92 -16.62
CA GLN B 136 -9.90 -5.44 -15.33
C GLN B 136 -9.45 -4.49 -14.21
N PRO B 137 -8.24 -3.94 -14.25
CA PRO B 137 -7.90 -2.88 -13.27
C PRO B 137 -8.82 -1.66 -13.39
N MET B 138 -9.16 -1.25 -14.61
CA MET B 138 -10.02 -0.08 -14.78
C MET B 138 -11.39 -0.30 -14.14
N VAL B 139 -11.96 -1.49 -14.33
CA VAL B 139 -13.21 -1.88 -13.68
C VAL B 139 -13.15 -1.55 -12.19
N GLY B 140 -12.06 -1.96 -11.52
CA GLY B 140 -11.93 -1.67 -10.10
C GLY B 140 -11.89 -0.18 -9.80
N ALA B 141 -11.10 0.58 -10.56
CA ALA B 141 -10.96 2.01 -10.30
C ALA B 141 -12.26 2.75 -10.58
N ILE B 142 -13.02 2.30 -11.58
CA ILE B 142 -14.34 2.87 -11.84
C ILE B 142 -15.27 2.60 -10.66
N ALA B 143 -15.29 1.36 -10.19
CA ALA B 143 -16.16 1.01 -9.09
C ALA B 143 -15.88 1.86 -7.85
N ALA B 144 -14.62 2.27 -7.65
CA ALA B 144 -14.23 3.08 -6.51
C ALA B 144 -14.48 4.56 -6.71
N GLY B 145 -15.07 4.95 -7.84
CA GLY B 145 -15.46 6.33 -8.04
C GLY B 145 -14.40 7.24 -8.62
N ASN B 146 -13.38 6.70 -9.28
CA ASN B 146 -12.33 7.52 -9.85
C ASN B 146 -12.56 7.86 -11.32
N SER B 147 -11.81 8.85 -11.77
CA SER B 147 -11.61 9.04 -13.20
C SER B 147 -10.47 8.03 -13.44
N VAL B 148 -10.43 7.43 -14.62
CA VAL B 148 -9.41 6.43 -14.93
C VAL B 148 -8.84 6.71 -16.31
N VAL B 149 -7.56 7.10 -16.34
CA VAL B 149 -6.84 7.26 -17.61
C VAL B 149 -6.22 5.93 -17.95
N LEU B 150 -6.31 5.51 -19.21
CA LEU B 150 -5.74 4.25 -19.65
C LEU B 150 -4.58 4.47 -20.60
N LYS B 151 -3.50 3.71 -20.39
CA LYS B 151 -2.35 3.68 -21.30
C LYS B 151 -2.14 2.26 -21.76
N PRO B 152 -2.73 1.85 -22.89
CA PRO B 152 -2.45 0.51 -23.43
C PRO B 152 -0.99 0.36 -23.83
N SER B 153 -0.52 -0.88 -23.84
CA SER B 153 0.81 -1.17 -24.38
C SER B 153 0.79 -1.10 -25.91
N GLU B 154 1.81 -0.46 -26.49
CA GLU B 154 1.92 -0.41 -27.94
C GLU B 154 2.33 -1.75 -28.57
N LEU B 155 2.85 -2.72 -27.79
CA LEU B 155 3.31 -3.96 -28.41
C LEU B 155 2.15 -4.78 -28.95
N SER B 156 1.00 -4.77 -28.25
CA SER B 156 -0.20 -5.36 -28.81
C SER B 156 -0.94 -4.26 -29.57
N GLU B 157 -0.47 -3.99 -30.79
CA GLU B 157 -0.90 -2.81 -31.55
C GLU B 157 -2.38 -2.84 -31.84
N ASN B 158 -2.92 -4.01 -32.15
CA ASN B 158 -4.31 -4.07 -32.60
C ASN B 158 -5.27 -3.81 -31.44
N MET B 159 -5.00 -4.42 -30.28
CA MET B 159 -5.81 -4.12 -29.11
C MET B 159 -5.67 -2.67 -28.69
N ALA B 160 -4.45 -2.13 -28.77
CA ALA B 160 -4.26 -0.73 -28.39
C ALA B 160 -5.10 0.18 -29.28
N SER B 161 -5.05 -0.07 -30.59
CA SER B 161 -5.86 0.72 -31.51
C SER B 161 -7.35 0.51 -31.26
N LEU B 162 -7.76 -0.74 -31.03
CA LEU B 162 -9.17 -1.01 -30.78
C LEU B 162 -9.67 -0.30 -29.54
N LEU B 163 -8.93 -0.41 -28.42
CA LEU B 163 -9.40 0.22 -27.19
C LEU B 163 -9.49 1.73 -27.36
N ALA B 164 -8.52 2.34 -28.03
CA ALA B 164 -8.60 3.77 -28.29
C ALA B 164 -9.85 4.13 -29.04
N THR B 165 -10.33 3.23 -29.91
CA THR B 165 -11.55 3.52 -30.68
C THR B 165 -12.80 3.28 -29.85
N ILE B 166 -12.92 2.12 -29.19
CA ILE B 166 -14.22 1.71 -28.66
C ILE B 166 -14.47 2.15 -27.23
N ILE B 167 -13.44 2.40 -26.42
CA ILE B 167 -13.69 2.86 -25.04
C ILE B 167 -14.49 4.15 -25.03
N PRO B 168 -14.11 5.20 -25.76
CA PRO B 168 -14.93 6.44 -25.77
C PRO B 168 -16.32 6.24 -26.36
N GLN B 169 -16.56 5.16 -27.10
CA GLN B 169 -17.90 4.90 -27.63
C GLN B 169 -18.84 4.34 -26.57
N TYR B 170 -18.33 3.94 -25.39
CA TYR B 170 -19.15 3.35 -24.35
C TYR B 170 -19.07 4.08 -23.02
N LEU B 171 -17.89 4.59 -22.68
CA LEU B 171 -17.64 5.21 -21.40
C LEU B 171 -17.62 6.72 -21.54
N ASP B 172 -17.80 7.39 -20.42
CA ASP B 172 -17.69 8.84 -20.39
C ASP B 172 -16.39 9.29 -21.06
N LYS B 173 -16.48 10.30 -21.91
CA LYS B 173 -15.33 10.67 -22.74
C LYS B 173 -14.28 11.43 -21.95
N ASP B 174 -14.70 12.28 -21.01
CA ASP B 174 -13.73 13.06 -20.24
C ASP B 174 -13.12 12.26 -19.09
N LEU B 175 -13.90 11.38 -18.46
CA LEU B 175 -13.43 10.72 -17.25
C LEU B 175 -12.52 9.53 -17.55
N TYR B 176 -12.66 8.89 -18.70
CA TYR B 176 -11.97 7.64 -18.96
C TYR B 176 -11.26 7.69 -20.31
N PRO B 177 -10.29 8.58 -20.46
CA PRO B 177 -9.60 8.71 -21.75
C PRO B 177 -8.58 7.61 -21.96
N VAL B 178 -8.26 7.38 -23.23
CA VAL B 178 -7.23 6.42 -23.65
C VAL B 178 -6.06 7.21 -24.21
N ILE B 179 -4.85 6.93 -23.73
CA ILE B 179 -3.65 7.64 -24.15
C ILE B 179 -2.89 6.73 -25.11
N ASN B 180 -2.72 7.19 -26.35
CA ASN B 180 -1.99 6.43 -27.35
C ASN B 180 -0.49 6.65 -27.21
N GLY B 181 0.27 5.74 -27.79
CA GLY B 181 1.68 5.93 -28.01
C GLY B 181 2.52 4.88 -27.32
N GLY B 182 3.82 5.10 -27.36
CA GLY B 182 4.75 4.17 -26.78
C GLY B 182 5.46 4.77 -25.60
N VAL B 183 6.76 4.50 -25.50
CA VAL B 183 7.50 4.87 -24.31
C VAL B 183 7.62 6.39 -24.18
N PRO B 184 7.92 7.15 -25.25
CA PRO B 184 7.96 8.61 -25.08
C PRO B 184 6.67 9.18 -24.53
N GLU B 185 5.53 8.71 -25.04
CA GLU B 185 4.24 9.21 -24.58
C GLU B 185 3.96 8.81 -23.14
N THR B 186 4.34 7.59 -22.75
CA THR B 186 4.14 7.17 -21.37
C THR B 186 4.99 8.02 -20.43
N THR B 187 6.23 8.33 -20.85
CA THR B 187 7.09 9.18 -20.05
C THR B 187 6.49 10.56 -19.87
N GLU B 188 5.90 11.13 -20.92
CA GLU B 188 5.26 12.43 -20.75
C GLU B 188 3.99 12.30 -19.91
N LEU B 189 3.22 11.22 -20.12
CA LEU B 189 2.04 10.97 -19.29
C LEU B 189 2.42 10.89 -17.81
N LEU B 190 3.55 10.26 -17.51
CA LEU B 190 3.98 10.05 -16.13
C LEU B 190 4.46 11.33 -15.46
N LYS B 191 4.58 12.43 -16.21
CA LYS B 191 4.83 13.74 -15.61
C LYS B 191 3.55 14.35 -15.06
N GLU B 192 2.39 13.90 -15.53
CA GLU B 192 1.12 14.40 -15.02
C GLU B 192 0.88 13.91 -13.59
N ARG B 193 0.01 14.63 -12.86
CA ARG B 193 -0.29 14.28 -11.48
C ARG B 193 -1.52 13.38 -11.39
N PHE B 194 -1.31 12.14 -10.93
CA PHE B 194 -2.35 11.17 -10.65
C PHE B 194 -2.46 10.92 -9.15
N ASP B 195 -3.58 10.32 -8.76
CA ASP B 195 -3.83 9.98 -7.36
C ASP B 195 -3.53 8.51 -7.06
N HIS B 196 -3.35 7.68 -8.09
CA HIS B 196 -2.86 6.31 -7.97
C HIS B 196 -2.41 5.87 -9.36
N ILE B 197 -1.40 4.99 -9.40
CA ILE B 197 -0.95 4.41 -10.66
C ILE B 197 -0.88 2.91 -10.47
N LEU B 198 -1.56 2.16 -11.33
CA LEU B 198 -1.38 0.71 -11.37
C LEU B 198 -0.67 0.38 -12.68
N TYR B 199 0.48 -0.28 -12.55
CA TYR B 199 1.31 -0.67 -13.69
C TYR B 199 1.53 -2.17 -13.64
N THR B 200 1.30 -2.84 -14.77
CA THR B 200 1.68 -4.23 -14.98
C THR B 200 2.76 -4.28 -16.06
N GLY B 201 3.82 -5.05 -15.81
CA GLY B 201 4.90 -5.19 -16.76
C GLY B 201 6.17 -5.69 -16.10
N SER B 202 7.31 -5.05 -16.41
CA SER B 202 8.60 -5.58 -15.98
C SER B 202 9.08 -4.96 -14.67
N THR B 203 9.90 -5.73 -13.94
CA THR B 203 10.47 -5.24 -12.69
C THR B 203 11.26 -3.96 -12.91
N GLY B 204 12.08 -3.92 -13.97
CA GLY B 204 12.89 -2.73 -14.23
C GLY B 204 12.05 -1.48 -14.41
N VAL B 205 11.02 -1.55 -15.26
CA VAL B 205 10.20 -0.36 -15.49
C VAL B 205 9.37 -0.04 -14.26
N GLY B 206 9.07 -1.03 -13.41
CA GLY B 206 8.41 -0.72 -12.16
C GLY B 206 9.15 0.33 -11.35
N LYS B 207 10.48 0.25 -11.31
CA LYS B 207 11.25 1.25 -10.58
C LYS B 207 11.10 2.63 -11.22
N ILE B 208 11.02 2.67 -12.55
CA ILE B 208 10.82 3.94 -13.26
C ILE B 208 9.45 4.52 -12.94
N ILE B 209 8.42 3.68 -12.89
CA ILE B 209 7.08 4.14 -12.54
C ILE B 209 7.08 4.68 -11.12
N MET B 210 7.69 3.95 -10.19
CA MET B 210 7.65 4.38 -8.81
C MET B 210 8.42 5.69 -8.62
N THR B 211 9.53 5.85 -9.35
CA THR B 211 10.27 7.10 -9.28
C THR B 211 9.44 8.28 -9.79
N ALA B 212 8.72 8.10 -10.90
CA ALA B 212 7.88 9.18 -11.41
C ALA B 212 6.74 9.49 -10.45
N ALA B 213 6.14 8.46 -9.87
CA ALA B 213 5.07 8.66 -8.90
C ALA B 213 5.54 9.45 -7.68
N ALA B 214 6.79 9.24 -7.27
CA ALA B 214 7.30 9.91 -6.08
C ALA B 214 7.26 11.43 -6.21
N LYS B 215 7.38 11.95 -7.43
CA LYS B 215 7.36 13.39 -7.60
C LYS B 215 6.03 14.00 -7.16
N HIS B 216 4.94 13.22 -7.21
CA HIS B 216 3.63 13.69 -6.78
C HIS B 216 3.12 12.97 -5.53
N LEU B 217 3.98 12.20 -4.86
CA LEU B 217 3.53 11.31 -3.79
C LEU B 217 2.32 10.48 -4.23
N THR B 218 2.39 9.93 -5.44
CA THR B 218 1.31 9.11 -5.97
C THR B 218 1.49 7.65 -5.53
N PRO B 219 0.54 7.05 -4.84
CA PRO B 219 0.64 5.63 -4.51
C PRO B 219 0.58 4.78 -5.77
N VAL B 220 1.27 3.64 -5.73
CA VAL B 220 1.38 2.77 -6.89
C VAL B 220 1.03 1.34 -6.50
N THR B 221 0.40 0.65 -7.45
CA THR B 221 0.26 -0.80 -7.47
C THR B 221 1.10 -1.30 -8.63
N LEU B 222 2.13 -2.08 -8.32
CA LEU B 222 3.11 -2.52 -9.31
C LEU B 222 2.99 -4.03 -9.41
N GLU B 223 2.52 -4.51 -10.56
CA GLU B 223 2.41 -5.94 -10.85
C GLU B 223 3.54 -6.29 -11.81
N LEU B 224 4.58 -6.94 -11.29
CA LEU B 224 5.83 -7.00 -12.03
C LEU B 224 6.21 -8.44 -12.37
N GLY B 225 7.50 -8.76 -12.34
CA GLY B 225 7.93 -10.01 -12.94
C GLY B 225 8.85 -10.83 -12.06
N GLY B 226 9.46 -11.84 -12.66
CA GLY B 226 10.24 -12.81 -11.93
C GLY B 226 10.15 -14.15 -12.65
N LYS B 227 10.70 -15.18 -12.00
CA LYS B 227 10.62 -16.53 -12.55
C LYS B 227 9.85 -17.36 -11.52
N SER B 228 8.61 -17.69 -11.86
CA SER B 228 7.75 -18.42 -10.95
C SER B 228 8.19 -19.89 -10.88
N PRO B 229 8.75 -20.35 -9.76
CA PRO B 229 9.24 -21.72 -9.70
C PRO B 229 8.11 -22.73 -9.65
N CYS B 230 8.41 -23.95 -10.08
CA CYS B 230 7.42 -25.03 -10.04
C CYS B 230 8.12 -26.29 -9.53
N TYR B 231 7.91 -26.60 -8.25
CA TYR B 231 8.56 -27.73 -7.61
C TYR B 231 7.70 -28.98 -7.77
N VAL B 232 8.31 -30.07 -8.20
CA VAL B 232 7.59 -31.32 -8.42
C VAL B 232 8.13 -32.36 -7.45
N ASP B 233 7.24 -32.89 -6.61
CA ASP B 233 7.60 -33.86 -5.61
C ASP B 233 7.76 -35.22 -6.26
N LYS B 234 8.87 -35.90 -5.94
CA LYS B 234 9.15 -37.25 -6.41
C LYS B 234 7.94 -38.17 -6.30
N ASN B 235 7.19 -38.06 -5.20
CA ASN B 235 6.19 -39.04 -4.83
C ASN B 235 4.78 -38.69 -5.28
N CYS B 236 4.61 -37.68 -6.14
CA CYS B 236 3.26 -37.25 -6.52
C CYS B 236 2.83 -37.91 -7.83
N ASP B 237 1.55 -37.73 -8.16
CA ASP B 237 1.00 -38.25 -9.42
C ASP B 237 1.58 -37.47 -10.60
N LEU B 238 2.72 -37.94 -11.14
CA LEU B 238 3.38 -37.17 -12.19
C LEU B 238 2.49 -36.94 -13.40
N ASP B 239 1.48 -37.78 -13.64
CA ASP B 239 0.67 -37.64 -14.85
C ASP B 239 -0.22 -36.41 -14.77
N VAL B 240 -0.97 -36.27 -13.67
CA VAL B 240 -1.83 -35.10 -13.54
C VAL B 240 -0.99 -33.84 -13.29
N ALA B 241 0.12 -33.96 -12.56
CA ALA B 241 0.96 -32.80 -12.34
C ALA B 241 1.49 -32.25 -13.66
N CYS B 242 1.98 -33.14 -14.53
CA CYS B 242 2.62 -32.70 -15.77
C CYS B 242 1.61 -32.16 -16.77
N ARG B 243 0.38 -32.69 -16.76
CA ARG B 243 -0.65 -32.14 -17.63
C ARG B 243 -0.96 -30.69 -17.24
N ARG B 244 -1.05 -30.41 -15.94
CA ARG B 244 -1.34 -29.07 -15.49
C ARG B 244 -0.18 -28.11 -15.75
N ILE B 245 1.05 -28.57 -15.54
CA ILE B 245 2.20 -27.72 -15.78
C ILE B 245 2.26 -27.33 -17.26
N ALA B 246 2.18 -28.34 -18.15
CA ALA B 246 2.17 -28.07 -19.58
C ALA B 246 1.11 -27.03 -19.93
N TRP B 247 -0.10 -27.20 -19.38
CA TRP B 247 -1.20 -26.29 -19.66
C TRP B 247 -0.86 -24.85 -19.28
N GLY B 248 -0.31 -24.64 -18.08
CA GLY B 248 0.01 -23.29 -17.64
C GLY B 248 1.25 -22.72 -18.28
N LYS B 249 2.25 -23.56 -18.57
CA LYS B 249 3.48 -23.07 -19.17
C LYS B 249 3.27 -22.64 -20.61
N PHE B 250 2.42 -23.34 -21.35
CA PHE B 250 2.35 -23.14 -22.80
C PHE B 250 1.10 -22.41 -23.26
N MET B 251 0.18 -22.07 -22.36
CA MET B 251 -0.89 -21.17 -22.78
C MET B 251 -0.28 -19.80 -23.11
N ASN B 252 -0.90 -19.13 -24.08
CA ASN B 252 -0.41 -17.85 -24.59
C ASN B 252 1.05 -17.97 -25.03
N SER B 253 1.40 -19.14 -25.59
CA SER B 253 2.76 -19.41 -26.03
C SER B 253 3.77 -19.06 -24.94
N GLY B 254 3.42 -19.37 -23.70
CA GLY B 254 4.29 -19.12 -22.56
C GLY B 254 4.32 -17.70 -22.03
N GLN B 255 3.54 -16.79 -22.62
CA GLN B 255 3.65 -15.37 -22.29
C GLN B 255 2.64 -15.00 -21.19
N THR B 256 2.89 -15.52 -20.00
CA THR B 256 2.00 -15.29 -18.87
C THR B 256 2.81 -14.91 -17.63
N CYS B 257 2.31 -13.90 -16.91
CA CYS B 257 3.02 -13.37 -15.76
CA CYS B 257 3.02 -13.37 -15.76
C CYS B 257 3.19 -14.41 -14.66
N VAL B 258 2.26 -15.36 -14.57
CA VAL B 258 2.36 -16.42 -13.56
C VAL B 258 2.53 -17.79 -14.20
N ALA B 259 3.02 -17.84 -15.44
CA ALA B 259 3.38 -19.14 -15.99
C ALA B 259 4.36 -19.83 -15.04
N PRO B 260 4.25 -21.15 -14.83
CA PRO B 260 5.36 -21.86 -14.17
C PRO B 260 6.61 -21.71 -15.03
N ASP B 261 7.57 -20.88 -14.61
CA ASP B 261 8.67 -20.50 -15.49
C ASP B 261 9.61 -21.67 -15.72
N TYR B 262 10.00 -22.35 -14.64
CA TYR B 262 10.93 -23.46 -14.71
C TYR B 262 10.48 -24.53 -13.72
N ILE B 263 11.10 -25.70 -13.81
CA ILE B 263 10.77 -26.84 -12.96
C ILE B 263 11.98 -27.17 -12.10
N LEU B 264 11.72 -27.42 -10.83
CA LEU B 264 12.70 -28.00 -9.91
C LEU B 264 12.24 -29.43 -9.61
N CYS B 265 13.11 -30.40 -9.85
CA CYS B 265 12.73 -31.78 -9.61
C CYS B 265 13.96 -32.60 -9.30
N ASP B 266 13.73 -33.73 -8.63
CA ASP B 266 14.81 -34.67 -8.43
C ASP B 266 15.28 -35.21 -9.77
N PRO B 267 16.59 -35.33 -9.98
CA PRO B 267 17.07 -35.87 -11.27
C PRO B 267 16.52 -37.24 -11.58
N SER B 268 16.06 -37.98 -10.57
CA SER B 268 15.47 -39.30 -10.73
C SER B 268 14.10 -39.27 -11.40
N ILE B 269 13.52 -38.11 -11.69
CA ILE B 269 12.22 -38.09 -12.34
C ILE B 269 12.24 -37.11 -13.50
N GLN B 270 13.42 -36.56 -13.80
CA GLN B 270 13.51 -35.63 -14.93
C GLN B 270 13.01 -36.28 -16.20
N ASN B 271 13.33 -37.56 -16.41
CA ASN B 271 12.98 -38.22 -17.67
C ASN B 271 11.48 -38.50 -17.75
N GLN B 272 10.86 -38.92 -16.64
CA GLN B 272 9.41 -39.12 -16.64
C GLN B 272 8.67 -37.80 -16.80
N ILE B 273 9.21 -36.72 -16.26
CA ILE B 273 8.57 -35.42 -16.44
C ILE B 273 8.64 -34.99 -17.89
N VAL B 274 9.78 -35.21 -18.53
CA VAL B 274 9.95 -34.87 -19.95
C VAL B 274 8.95 -35.66 -20.80
N GLU B 275 8.73 -36.93 -20.46
CA GLU B 275 7.87 -37.76 -21.30
C GLU B 275 6.41 -37.41 -21.13
N LYS B 276 5.97 -37.11 -19.91
CA LYS B 276 4.57 -36.81 -19.67
C LYS B 276 4.21 -35.38 -20.07
N LEU B 277 5.17 -34.46 -20.01
CA LEU B 277 4.97 -33.16 -20.65
C LEU B 277 4.79 -33.31 -22.15
N LYS B 278 5.67 -34.09 -22.80
CA LYS B 278 5.52 -34.34 -24.23
C LYS B 278 4.15 -34.90 -24.56
N LYS B 279 3.69 -35.88 -23.77
CA LYS B 279 2.40 -36.49 -24.08
C LYS B 279 1.29 -35.46 -24.01
N SER B 280 1.22 -34.71 -22.91
CA SER B 280 0.19 -33.68 -22.77
C SER B 280 0.29 -32.64 -23.87
N LEU B 281 1.51 -32.21 -24.20
CA LEU B 281 1.66 -31.22 -25.27
C LEU B 281 1.13 -31.75 -26.60
N LYS B 282 1.39 -33.04 -26.88
CA LYS B 282 0.87 -33.62 -28.12
C LYS B 282 -0.65 -33.69 -28.10
N GLU B 283 -1.23 -34.02 -26.95
CA GLU B 283 -2.70 -33.97 -26.84
C GLU B 283 -3.22 -32.56 -27.08
N PHE B 284 -2.56 -31.55 -26.50
CA PHE B 284 -3.05 -30.18 -26.60
C PHE B 284 -2.99 -29.69 -28.05
N TYR B 285 -1.80 -29.74 -28.65
CA TYR B 285 -1.53 -29.03 -29.89
C TYR B 285 -1.20 -29.96 -31.05
N GLY B 286 -1.30 -31.27 -30.84
CA GLY B 286 -0.94 -32.23 -31.87
C GLY B 286 0.56 -32.35 -32.03
N GLU B 287 0.95 -33.16 -33.02
CA GLU B 287 2.36 -33.43 -33.24
C GLU B 287 3.10 -32.20 -33.73
N ASP B 288 2.43 -31.34 -34.48
CA ASP B 288 3.02 -30.09 -34.98
C ASP B 288 2.19 -28.95 -34.40
N ALA B 289 2.67 -28.36 -33.31
CA ALA B 289 1.93 -27.25 -32.71
C ALA B 289 1.73 -26.10 -33.69
N LYS B 290 2.57 -25.99 -34.72
CA LYS B 290 2.41 -24.90 -35.68
C LYS B 290 1.07 -24.96 -36.40
N LYS B 291 0.40 -26.11 -36.40
CA LYS B 291 -0.86 -26.29 -37.10
C LYS B 291 -2.07 -26.22 -36.16
N SER B 292 -1.85 -25.89 -34.89
CA SER B 292 -2.93 -25.84 -33.91
C SER B 292 -3.46 -24.42 -33.79
N ARG B 293 -4.78 -24.28 -33.90
CA ARG B 293 -5.47 -23.01 -33.68
C ARG B 293 -5.35 -22.52 -32.24
N ASP B 294 -4.98 -23.40 -31.30
CA ASP B 294 -4.93 -23.07 -29.88
C ASP B 294 -3.55 -22.66 -29.40
N TYR B 295 -2.56 -22.62 -30.27
CA TYR B 295 -1.19 -22.28 -29.90
C TYR B 295 -0.89 -20.87 -30.36
N GLY B 296 -0.27 -20.08 -29.48
CA GLY B 296 -0.03 -18.68 -29.75
C GLY B 296 1.28 -18.42 -30.48
N ARG B 297 1.57 -17.13 -30.64
CA ARG B 297 2.79 -16.66 -31.26
C ARG B 297 3.44 -15.59 -30.36
N ILE B 298 4.75 -15.44 -30.51
CA ILE B 298 5.46 -14.42 -29.75
C ILE B 298 5.01 -13.03 -30.19
N ILE B 299 5.00 -12.09 -29.24
CA ILE B 299 4.38 -10.80 -29.51
C ILE B 299 5.14 -9.99 -30.57
N SER B 300 6.47 -10.12 -30.61
CA SER B 300 7.25 -9.23 -31.45
C SER B 300 8.50 -9.95 -31.94
N ALA B 301 9.17 -9.32 -32.91
CA ALA B 301 10.42 -9.86 -33.42
C ALA B 301 11.52 -9.84 -32.35
N ARG B 302 11.56 -8.76 -31.55
CA ARG B 302 12.55 -8.67 -30.49
C ARG B 302 12.39 -9.81 -29.49
N HIS B 303 11.16 -10.09 -29.07
CA HIS B 303 10.95 -11.13 -28.07
C HIS B 303 11.17 -12.52 -28.66
N PHE B 304 10.82 -12.70 -29.94
CA PHE B 304 11.14 -13.96 -30.61
C PHE B 304 12.64 -14.23 -30.58
N GLN B 305 13.43 -13.24 -30.98
CA GLN B 305 14.89 -13.38 -30.94
C GLN B 305 15.38 -13.63 -29.52
N ARG B 306 14.87 -12.88 -28.54
CA ARG B 306 15.28 -13.05 -27.15
C ARG B 306 15.04 -14.48 -26.66
N VAL B 307 13.85 -15.03 -26.91
CA VAL B 307 13.52 -16.35 -26.40
C VAL B 307 14.33 -17.42 -27.13
N MET B 308 14.45 -17.32 -28.45
CA MET B 308 15.28 -18.26 -29.17
C MET B 308 16.70 -18.26 -28.62
N GLY B 309 17.21 -17.08 -28.24
CA GLY B 309 18.55 -17.01 -27.67
C GLY B 309 18.71 -17.88 -26.43
N LEU B 310 17.61 -18.14 -25.72
CA LEU B 310 17.66 -18.92 -24.49
C LEU B 310 17.77 -20.43 -24.72
N ILE B 311 17.58 -20.87 -25.96
CA ILE B 311 17.76 -22.29 -26.26
C ILE B 311 19.22 -22.59 -26.64
N GLU B 312 19.94 -21.60 -27.16
CA GLU B 312 21.32 -21.77 -27.60
C GLU B 312 22.16 -22.43 -26.50
N GLY B 313 22.90 -23.47 -26.88
CA GLY B 313 23.78 -24.16 -25.96
C GLY B 313 23.12 -25.06 -24.95
N GLN B 314 21.81 -25.26 -25.03
CA GLN B 314 21.07 -26.02 -24.03
C GLN B 314 20.82 -27.43 -24.52
N LYS B 315 20.54 -28.33 -23.58
CA LYS B 315 20.16 -29.70 -23.91
C LYS B 315 18.67 -29.71 -24.23
N VAL B 316 18.33 -29.74 -25.51
CA VAL B 316 16.94 -29.76 -25.93
C VAL B 316 16.42 -31.18 -25.85
N ALA B 317 15.41 -31.40 -25.01
CA ALA B 317 14.72 -32.68 -24.94
C ALA B 317 13.50 -32.73 -25.86
N TYR B 318 13.08 -31.59 -26.39
CA TYR B 318 11.86 -31.57 -27.18
C TYR B 318 11.71 -30.18 -27.77
N GLY B 319 11.24 -30.10 -29.01
CA GLY B 319 11.08 -28.80 -29.65
C GLY B 319 12.42 -28.19 -29.98
N GLY B 320 12.53 -26.88 -29.73
CA GLY B 320 13.77 -26.16 -29.92
C GLY B 320 13.89 -25.37 -31.21
N THR B 321 12.89 -25.42 -32.08
CA THR B 321 12.90 -24.70 -33.35
C THR B 321 11.88 -23.57 -33.32
N GLY B 322 12.09 -22.59 -34.20
CA GLY B 322 11.20 -21.45 -34.29
C GLY B 322 11.24 -20.83 -35.66
N ASP B 323 10.12 -20.25 -36.08
CA ASP B 323 9.97 -19.63 -37.40
C ASP B 323 9.92 -18.12 -37.22
N ALA B 324 11.03 -17.45 -37.54
CA ALA B 324 11.10 -16.01 -37.35
C ALA B 324 9.98 -15.29 -38.10
N ALA B 325 9.59 -15.81 -39.26
CA ALA B 325 8.64 -15.09 -40.11
C ALA B 325 7.28 -14.96 -39.44
N THR B 326 6.84 -15.98 -38.72
CA THR B 326 5.55 -15.99 -38.05
C THR B 326 5.66 -15.91 -36.53
N ARG B 327 6.87 -15.74 -36.01
CA ARG B 327 7.09 -15.62 -34.56
C ARG B 327 6.53 -16.83 -33.81
N TYR B 328 6.71 -18.01 -34.40
CA TYR B 328 6.34 -19.28 -33.78
C TYR B 328 7.59 -19.91 -33.16
N ILE B 329 7.50 -20.27 -31.88
CA ILE B 329 8.52 -21.04 -31.20
C ILE B 329 7.86 -22.32 -30.70
N ALA B 330 8.37 -23.47 -31.16
CA ALA B 330 7.74 -24.73 -30.81
C ALA B 330 7.91 -24.99 -29.31
N PRO B 331 6.93 -25.64 -28.69
CA PRO B 331 7.08 -26.00 -27.27
C PRO B 331 8.39 -26.71 -27.02
N THR B 332 9.22 -26.15 -26.15
CA THR B 332 10.58 -26.63 -25.94
C THR B 332 10.79 -27.03 -24.49
N ILE B 333 11.51 -28.14 -24.28
CA ILE B 333 11.88 -28.61 -22.94
C ILE B 333 13.39 -28.79 -22.92
N LEU B 334 14.03 -28.26 -21.88
CA LEU B 334 15.46 -28.38 -21.68
C LEU B 334 15.74 -29.15 -20.40
N THR B 335 16.75 -30.02 -20.43
CA THR B 335 17.07 -30.85 -19.27
C THR B 335 18.45 -30.51 -18.73
N ASP B 336 18.66 -30.84 -17.46
CA ASP B 336 19.97 -30.66 -16.81
C ASP B 336 20.48 -29.23 -16.99
N VAL B 337 19.57 -28.26 -16.81
CA VAL B 337 19.90 -26.87 -17.08
C VAL B 337 20.78 -26.31 -15.98
N ASP B 338 21.88 -25.68 -16.38
CA ASP B 338 22.73 -24.93 -15.47
C ASP B 338 21.98 -23.71 -14.95
N PRO B 339 21.70 -23.61 -13.65
CA PRO B 339 20.99 -22.43 -13.14
C PRO B 339 21.64 -21.12 -13.50
N GLN B 340 22.95 -21.14 -13.80
CA GLN B 340 23.64 -19.92 -14.18
C GLN B 340 23.51 -19.59 -15.67
N SER B 341 22.83 -20.43 -16.46
CA SER B 341 22.74 -20.20 -17.89
C SER B 341 21.63 -19.18 -18.22
N PRO B 342 21.68 -18.59 -19.42
CA PRO B 342 20.70 -17.53 -19.75
C PRO B 342 19.26 -17.90 -19.47
N VAL B 343 18.81 -19.09 -19.89
CA VAL B 343 17.40 -19.44 -19.73
C VAL B 343 17.00 -19.51 -18.27
N MET B 344 17.95 -19.56 -17.34
CA MET B 344 17.64 -19.52 -15.92
C MET B 344 18.02 -18.19 -15.27
N GLN B 345 18.38 -17.18 -16.07
CA GLN B 345 18.79 -15.89 -15.55
C GLN B 345 17.87 -14.74 -15.95
N GLU B 346 16.79 -15.02 -16.66
CA GLU B 346 15.79 -14.01 -16.95
C GLU B 346 14.42 -14.69 -17.00
N GLU B 347 13.38 -13.88 -16.77
CA GLU B 347 12.01 -14.36 -16.97
C GLU B 347 11.85 -14.80 -18.42
N ILE B 348 11.39 -16.04 -18.63
CA ILE B 348 11.40 -16.63 -19.98
C ILE B 348 10.32 -15.98 -20.84
N PHE B 349 9.07 -16.04 -20.40
CA PHE B 349 7.95 -15.47 -21.16
C PHE B 349 7.93 -16.03 -22.59
N GLY B 350 8.07 -17.34 -22.66
CA GLY B 350 8.12 -18.02 -23.94
C GLY B 350 7.96 -19.51 -23.70
N PRO B 351 7.70 -20.27 -24.76
CA PRO B 351 7.42 -21.71 -24.62
C PRO B 351 8.68 -22.56 -24.51
N VAL B 352 9.60 -22.16 -23.63
CA VAL B 352 10.84 -22.88 -23.38
C VAL B 352 10.86 -23.21 -21.90
N LEU B 353 10.80 -24.50 -21.57
CA LEU B 353 10.60 -24.95 -20.20
C LEU B 353 11.85 -25.66 -19.68
N PRO B 354 12.68 -24.99 -18.89
CA PRO B 354 13.89 -25.65 -18.36
C PRO B 354 13.58 -26.46 -17.12
N ILE B 355 14.35 -27.53 -16.93
CA ILE B 355 14.24 -28.41 -15.77
C ILE B 355 15.54 -28.34 -15.00
N VAL B 356 15.46 -27.93 -13.74
CA VAL B 356 16.62 -27.78 -12.88
C VAL B 356 16.54 -28.85 -11.80
N CYS B 357 17.63 -29.57 -11.61
CA CYS B 357 17.62 -30.72 -10.71
C CYS B 357 18.02 -30.28 -9.31
N VAL B 358 17.25 -30.72 -8.33
CA VAL B 358 17.56 -30.55 -6.91
C VAL B 358 17.43 -31.92 -6.28
N ARG B 359 18.14 -32.13 -5.18
CA ARG B 359 18.14 -33.43 -4.53
C ARG B 359 17.17 -33.54 -3.34
N SER B 360 16.51 -32.45 -2.96
CA SER B 360 15.61 -32.48 -1.81
C SER B 360 14.71 -31.25 -1.85
N LEU B 361 13.61 -31.33 -1.09
CA LEU B 361 12.78 -30.16 -0.85
C LEU B 361 13.61 -29.02 -0.28
N GLU B 362 14.45 -29.33 0.72
CA GLU B 362 15.23 -28.28 1.37
C GLU B 362 16.17 -27.60 0.39
N GLU B 363 16.71 -28.35 -0.58
CA GLU B 363 17.53 -27.72 -1.61
C GLU B 363 16.69 -26.76 -2.44
N ALA B 364 15.47 -27.16 -2.79
CA ALA B 364 14.61 -26.31 -3.62
C ALA B 364 14.26 -25.02 -2.89
N ILE B 365 13.92 -25.12 -1.60
CA ILE B 365 13.62 -23.94 -0.80
C ILE B 365 14.80 -22.97 -0.84
N GLN B 366 16.00 -23.49 -0.59
CA GLN B 366 17.19 -22.67 -0.66
C GLN B 366 17.36 -22.07 -2.05
N PHE B 367 17.11 -22.87 -3.09
CA PHE B 367 17.22 -22.38 -4.46
C PHE B 367 16.28 -21.21 -4.70
N ILE B 368 15.00 -21.38 -4.32
CA ILE B 368 14.00 -20.32 -4.48
C ILE B 368 14.39 -19.08 -3.68
N ASN B 369 14.82 -19.27 -2.43
CA ASN B 369 15.08 -18.16 -1.53
C ASN B 369 16.30 -17.35 -1.94
N GLN B 370 17.27 -17.97 -2.60
CA GLN B 370 18.44 -17.24 -3.05
C GLN B 370 18.12 -16.30 -4.20
N ARG B 371 17.01 -16.53 -4.89
CA ARG B 371 16.59 -15.69 -6.00
C ARG B 371 15.54 -14.68 -5.55
N GLU B 372 15.24 -13.73 -6.43
CA GLU B 372 14.24 -12.70 -6.13
C GLU B 372 12.87 -13.32 -5.93
N LYS B 373 12.03 -12.67 -5.12
CA LYS B 373 10.74 -13.25 -4.75
C LYS B 373 9.84 -13.27 -5.97
N PRO B 374 9.32 -14.44 -6.37
CA PRO B 374 8.56 -14.52 -7.62
C PRO B 374 7.11 -14.13 -7.43
N LEU B 375 6.47 -13.81 -8.55
CA LEU B 375 5.06 -13.42 -8.52
C LEU B 375 4.18 -14.59 -8.07
N ALA B 376 4.46 -15.79 -8.56
CA ALA B 376 3.78 -17.00 -8.10
C ALA B 376 4.80 -18.07 -7.76
N LEU B 377 4.41 -18.93 -6.83
CA LEU B 377 5.18 -20.13 -6.49
C LEU B 377 4.26 -21.32 -6.59
N TYR B 378 4.72 -22.38 -7.25
CA TYR B 378 3.92 -23.59 -7.44
C TYR B 378 4.67 -24.80 -6.91
N MET B 379 3.91 -25.73 -6.35
CA MET B 379 4.44 -27.02 -5.92
C MET B 379 3.40 -28.08 -6.27
N PHE B 380 3.90 -29.26 -6.66
CA PHE B 380 3.03 -30.40 -6.94
C PHE B 380 3.44 -31.52 -6.00
N SER B 381 2.48 -31.96 -5.18
CA SER B 381 2.75 -32.91 -4.11
C SER B 381 1.45 -33.23 -3.40
N SER B 382 1.28 -34.47 -2.96
CA SER B 382 0.13 -34.84 -2.14
C SER B 382 0.51 -34.95 -0.67
N ASN B 383 1.71 -34.54 -0.30
CA ASN B 383 2.16 -34.51 1.08
C ASN B 383 1.92 -33.11 1.64
N ASP B 384 1.00 -33.02 2.62
CA ASP B 384 0.69 -31.73 3.23
C ASP B 384 1.89 -31.14 3.96
N LYS B 385 2.73 -31.98 4.55
CA LYS B 385 3.92 -31.48 5.22
C LYS B 385 4.85 -30.79 4.22
N VAL B 386 4.96 -31.35 3.01
CA VAL B 386 5.79 -30.72 1.98
C VAL B 386 5.22 -29.36 1.62
N ILE B 387 3.90 -29.31 1.42
CA ILE B 387 3.22 -28.07 1.04
C ILE B 387 3.42 -26.99 2.11
N LYS B 388 3.00 -27.29 3.34
CA LYS B 388 3.05 -26.27 4.39
C LYS B 388 4.47 -25.77 4.58
N LYS B 389 5.46 -26.65 4.42
CA LYS B 389 6.84 -26.28 4.68
C LYS B 389 7.41 -25.39 3.58
N MET B 390 7.08 -25.70 2.33
CA MET B 390 7.59 -24.85 1.25
C MET B 390 6.96 -23.47 1.33
N ILE B 391 5.68 -23.38 1.69
CA ILE B 391 5.04 -22.09 1.89
C ILE B 391 5.68 -21.35 3.06
N ALA B 392 5.85 -22.05 4.19
CA ALA B 392 6.30 -21.39 5.41
C ALA B 392 7.72 -20.84 5.26
N GLU B 393 8.55 -21.47 4.45
CA GLU B 393 9.95 -21.12 4.38
C GLU B 393 10.31 -20.27 3.17
N THR B 394 9.35 -19.99 2.28
CA THR B 394 9.55 -19.14 1.09
C THR B 394 8.66 -17.91 1.18
N SER B 395 8.81 -17.02 0.20
CA SER B 395 7.90 -15.89 0.06
C SER B 395 7.68 -15.65 -1.43
N SER B 396 6.42 -15.49 -1.82
CA SER B 396 6.05 -15.22 -3.20
C SER B 396 4.78 -14.38 -3.18
N GLY B 397 4.48 -13.78 -4.33
CA GLY B 397 3.24 -13.03 -4.48
C GLY B 397 2.05 -13.87 -4.07
N GLY B 398 1.82 -14.96 -4.81
CA GLY B 398 0.81 -15.92 -4.45
C GLY B 398 1.37 -17.33 -4.56
N VAL B 399 0.57 -18.29 -4.11
CA VAL B 399 0.96 -19.70 -4.10
C VAL B 399 -0.20 -20.55 -4.62
N ALA B 400 0.13 -21.54 -5.45
CA ALA B 400 -0.81 -22.57 -5.85
C ALA B 400 -0.15 -23.93 -5.60
N ALA B 401 -0.87 -24.81 -4.90
CA ALA B 401 -0.45 -26.19 -4.72
C ALA B 401 -1.25 -27.09 -5.64
N ASN B 402 -0.56 -27.88 -6.47
CA ASN B 402 -1.17 -28.87 -7.37
C ASN B 402 -2.00 -28.27 -8.49
N ASP B 403 -1.73 -27.02 -8.87
CA ASP B 403 -2.31 -26.44 -10.09
C ASP B 403 -1.53 -25.17 -10.40
N VAL B 404 -1.77 -24.61 -11.57
CA VAL B 404 -1.09 -23.41 -12.00
C VAL B 404 -2.15 -22.42 -12.50
N ILE B 405 -1.79 -21.14 -12.49
CA ILE B 405 -2.58 -20.05 -13.07
C ILE B 405 -3.79 -19.71 -12.22
N VAL B 406 -4.52 -20.73 -11.78
CA VAL B 406 -5.89 -20.52 -11.33
C VAL B 406 -5.99 -19.65 -10.09
N HIS B 407 -4.94 -19.58 -9.27
CA HIS B 407 -5.05 -18.84 -8.02
C HIS B 407 -5.20 -17.34 -8.25
N ILE B 408 -4.98 -16.84 -9.46
CA ILE B 408 -5.14 -15.41 -9.71
C ILE B 408 -6.47 -15.11 -10.39
N THR B 409 -7.34 -16.11 -10.52
CA THR B 409 -8.65 -15.92 -11.13
C THR B 409 -9.79 -15.95 -10.12
N LEU B 410 -9.48 -16.01 -8.83
CA LEU B 410 -10.50 -16.13 -7.81
C LEU B 410 -10.76 -14.78 -7.14
N HIS B 411 -12.04 -14.45 -6.97
CA HIS B 411 -12.42 -13.14 -6.45
C HIS B 411 -11.92 -12.91 -5.03
N SER B 412 -11.75 -13.97 -4.25
CA SER B 412 -11.38 -13.85 -2.85
C SER B 412 -9.87 -13.89 -2.61
N LEU B 413 -9.06 -14.02 -3.66
CA LEU B 413 -7.60 -14.13 -3.53
C LEU B 413 -6.96 -12.92 -4.20
N PRO B 414 -6.67 -11.88 -3.44
CA PRO B 414 -5.95 -10.71 -3.99
C PRO B 414 -4.73 -11.12 -4.79
N PHE B 415 -4.52 -10.47 -5.93
CA PHE B 415 -3.49 -10.84 -6.88
C PHE B 415 -2.41 -9.76 -6.90
N GLY B 416 -1.17 -10.14 -6.59
CA GLY B 416 -0.07 -9.21 -6.63
C GLY B 416 1.20 -9.87 -6.12
N GLY B 417 2.30 -9.13 -6.21
CA GLY B 417 3.62 -9.62 -5.95
C GLY B 417 4.18 -9.18 -4.60
N VAL B 418 5.47 -9.43 -4.44
CA VAL B 418 6.22 -8.97 -3.29
C VAL B 418 7.67 -8.80 -3.74
N GLY B 419 8.34 -7.81 -3.18
CA GLY B 419 9.73 -7.60 -3.57
C GLY B 419 9.79 -7.27 -5.05
N ASN B 420 10.69 -7.94 -5.76
CA ASN B 420 10.87 -7.61 -7.18
C ASN B 420 9.66 -7.98 -8.02
N SER B 421 8.75 -8.84 -7.53
CA SER B 421 7.55 -9.12 -8.30
C SER B 421 6.44 -8.09 -8.08
N GLY B 422 6.63 -7.10 -7.21
CA GLY B 422 5.70 -5.99 -7.15
C GLY B 422 5.23 -5.68 -5.74
N MET B 423 4.35 -4.69 -5.65
CA MET B 423 3.77 -4.24 -4.39
C MET B 423 2.30 -3.90 -4.65
N GLY B 424 1.47 -4.12 -3.65
CA GLY B 424 0.04 -3.90 -3.78
C GLY B 424 -0.62 -5.09 -4.48
N SER B 425 -1.95 -5.03 -4.57
CA SER B 425 -2.71 -6.11 -5.18
C SER B 425 -4.10 -5.59 -5.57
N TYR B 426 -4.79 -6.37 -6.39
CA TYR B 426 -6.14 -6.02 -6.79
C TYR B 426 -6.91 -7.30 -7.12
N HIS B 427 -8.12 -7.11 -7.68
CA HIS B 427 -9.12 -8.13 -7.94
C HIS B 427 -10.21 -8.11 -6.87
N GLY B 428 -11.47 -8.09 -7.30
CA GLY B 428 -12.55 -8.22 -6.34
C GLY B 428 -12.53 -7.09 -5.35
N LYS B 429 -12.81 -7.40 -4.09
CA LYS B 429 -12.91 -6.34 -3.08
C LYS B 429 -11.61 -5.57 -2.98
N LYS B 430 -10.48 -6.25 -3.16
CA LYS B 430 -9.20 -5.58 -3.06
C LYS B 430 -9.04 -4.49 -4.12
N SER B 431 -9.64 -4.68 -5.30
CA SER B 431 -9.65 -3.60 -6.28
C SER B 431 -10.33 -2.36 -5.73
N PHE B 432 -11.53 -2.52 -5.15
CA PHE B 432 -12.20 -1.37 -4.57
C PHE B 432 -11.35 -0.69 -3.50
N GLU B 433 -10.67 -1.47 -2.65
CA GLU B 433 -9.85 -0.87 -1.59
C GLU B 433 -8.62 -0.18 -2.17
N THR B 434 -7.94 -0.84 -3.10
CA THR B 434 -6.73 -0.28 -3.68
C THR B 434 -7.00 1.07 -4.35
N PHE B 435 -8.17 1.24 -4.96
CA PHE B 435 -8.46 2.48 -5.66
C PHE B 435 -9.27 3.46 -4.81
N SER B 436 -9.34 3.23 -3.50
CA SER B 436 -10.02 4.11 -2.58
C SER B 436 -9.05 4.60 -1.52
N HIS B 437 -9.39 5.72 -0.91
CA HIS B 437 -8.86 6.07 0.38
C HIS B 437 -9.82 5.60 1.46
N ARG B 438 -9.31 4.84 2.42
CA ARG B 438 -10.07 4.39 3.58
C ARG B 438 -9.75 5.31 4.75
N ARG B 439 -10.72 6.17 5.11
CA ARG B 439 -10.54 7.32 5.99
C ARG B 439 -11.16 7.01 7.34
N SER B 440 -10.32 6.96 8.39
CA SER B 440 -10.81 6.70 9.74
C SER B 440 -11.58 7.92 10.26
N CYS B 441 -12.79 7.69 10.78
CA CYS B 441 -13.66 8.76 11.28
C CYS B 441 -14.09 8.50 12.70
N LEU B 442 -13.95 9.51 13.55
CA LEU B 442 -14.48 9.51 14.90
C LEU B 442 -15.43 10.69 15.02
N VAL B 443 -16.68 10.42 15.34
CA VAL B 443 -17.70 11.44 15.45
C VAL B 443 -18.24 11.41 16.86
N ARG B 444 -17.94 12.46 17.67
CA ARG B 444 -18.40 12.55 19.04
C ARG B 444 -19.57 13.51 19.15
N PRO B 445 -20.47 13.26 20.10
CA PRO B 445 -21.46 14.29 20.45
C PRO B 445 -20.74 15.50 21.02
N LEU B 446 -21.28 16.68 20.75
CA LEU B 446 -20.67 17.92 21.25
C LEU B 446 -21.42 18.29 22.53
N MET B 447 -20.95 17.73 23.65
CA MET B 447 -21.51 18.09 24.94
C MET B 447 -20.45 17.87 25.99
N ASN B 448 -20.58 18.61 27.09
CA ASN B 448 -19.63 18.47 28.18
C ASN B 448 -19.51 17.02 28.60
N ASP B 449 -18.28 16.53 28.65
CA ASP B 449 -17.98 15.17 29.08
C ASP B 449 -17.06 15.29 30.29
N GLU B 450 -17.61 15.02 31.48
CA GLU B 450 -16.79 15.13 32.68
C GLU B 450 -15.59 14.18 32.63
N GLY B 451 -15.74 13.02 32.00
CA GLY B 451 -14.67 12.06 31.97
C GLY B 451 -13.50 12.45 31.10
N LEU B 452 -13.70 13.38 30.18
CA LEU B 452 -12.59 13.87 29.36
C LEU B 452 -11.68 14.83 30.13
N LYS B 453 -12.17 15.43 31.21
CA LYS B 453 -11.45 16.54 31.81
C LYS B 453 -10.10 16.14 32.36
N VAL B 454 -9.90 14.85 32.65
CA VAL B 454 -8.60 14.39 33.12
C VAL B 454 -7.48 14.67 32.12
N ARG B 455 -7.80 14.82 30.84
CA ARG B 455 -6.74 14.98 29.85
C ARG B 455 -6.22 16.41 29.78
N TYR B 456 -6.99 17.38 30.28
CA TYR B 456 -6.60 18.77 30.18
C TYR B 456 -5.59 19.14 31.26
N PRO B 457 -4.65 20.03 30.94
CA PRO B 457 -3.83 20.63 31.98
C PRO B 457 -4.69 21.51 32.85
N PRO B 458 -4.25 21.80 34.08
CA PRO B 458 -2.95 21.36 34.62
C PRO B 458 -2.88 19.87 34.95
N SER B 459 -1.70 19.29 34.79
CA SER B 459 -1.49 17.90 35.17
C SER B 459 -1.51 17.77 36.69
N PRO B 460 -1.90 16.61 37.21
CA PRO B 460 -1.84 16.38 38.67
C PRO B 460 -0.44 16.61 39.18
N ALA B 461 -0.31 17.50 40.16
CA ALA B 461 1.02 17.90 40.64
C ALA B 461 1.72 16.80 41.41
N LYS B 462 0.98 15.88 42.01
CA LYS B 462 1.52 14.63 42.55
C LYS B 462 1.01 13.47 41.71
K K C . -4.99 40.00 9.66
K K D . -10.66 -30.68 -23.67
C ACT E . -7.14 -32.79 -14.56
O ACT E . -6.17 -31.98 -14.51
OXT ACT E . -7.79 -33.30 -13.61
CH3 ACT E . -7.60 -33.22 -15.98
C14 OYA F . -1.42 6.22 19.67
C14 OYA F . -1.09 6.24 19.55
C5 OYA F . -1.63 7.59 19.10
C5 OYA F . -1.49 7.63 19.12
C6 OYA F . -0.52 8.01 18.17
C6 OYA F . -0.59 8.19 18.04
C11 OYA F . 0.75 8.39 18.90
C11 OYA F . 0.77 8.64 18.52
C7 OYA F . 0.72 9.79 19.47
C7 OYA F . 0.77 10.04 19.13
C8 OYA F . 1.46 10.81 18.62
C8 OYA F . 1.53 11.06 18.28
C9 OYA F . 1.10 10.73 17.15
C9 OYA F . 1.16 11.01 16.80
C10 OYA F . 1.84 11.74 16.35
C10 OYA F . 1.91 11.96 15.91
OAB OYA F . 2.01 12.89 16.64
OAB OYA F . 2.14 11.80 14.75
C1 GOL G . -2.74 1.81 20.72
O1 GOL G . -3.67 1.94 21.76
C2 GOL G . -3.29 2.61 19.52
O2 GOL G . -2.63 3.85 19.36
C3 GOL G . -3.05 1.67 18.31
O3 GOL G . -3.68 0.41 18.57
K K H . -18.40 -1.18 3.79
K K I . -7.62 18.28 34.21
C ACT J . -15.14 18.37 27.62
O ACT J . -16.33 17.98 27.48
OXT ACT J . -14.29 18.60 26.73
CH3 ACT J . -14.64 18.59 29.07
C14 OYA K . -8.38 -13.41 -13.58
C14 OYA K . -8.27 -13.49 -13.55
C5 OYA K . -7.86 -12.10 -14.10
C5 OYA K . -7.82 -12.11 -13.98
C6 OYA K . -6.36 -12.09 -14.28
C6 OYA K . -6.41 -12.11 -14.53
C11 OYA K . -5.85 -13.16 -15.25
C11 OYA K . -6.20 -13.16 -15.63
C7 OYA K . -5.62 -12.66 -16.67
C7 OYA K . -5.58 -12.61 -16.89
C8 OYA K . -4.42 -11.73 -16.79
C8 OYA K . -4.07 -12.81 -16.99
C9 OYA K . -3.30 -12.06 -15.83
C9 OYA K . -3.30 -12.24 -15.82
C10 OYA K . -1.91 -12.23 -16.39
C10 OYA K . -1.88 -11.91 -16.20
OAB OYA K . -1.55 -13.10 -17.12
OAB OYA K . -1.14 -11.20 -15.60
#